data_8YWM
#
_entry.id   8YWM
#
loop_
_entity.id
_entity.type
_entity.pdbx_description
1 polymer 'DNA polymerase'
2 polymer 'The template strand'
3 polymer 'The primer strand'
#
loop_
_entity_poly.entity_id
_entity_poly.type
_entity_poly.pdbx_seq_one_letter_code
_entity_poly.pdbx_strand_id
1 'polypeptide(L)'
;MISIMDRSEIVARENPVITQRVTNLLQTNAPLLFMPIDIHEVRYGAYTLFMYGSLENGYKAEVRIENIPVFFDVQIEFND
TNQLFLKSLLTAENIVYERLETLTQRPVMGYREKEKEFAPYIRIFFKSLYERRKAITYLNNMGYNTAADDTTCYYRMVSR
ELKLPLTSWIQLQHYSYEPRGLVHRFSVTPEDLVSYQNDGPTDHSIVMAYDIETYSPVKGTVPDPNQANDVVFMICMRIF
WIHSTEPLASTCITMAPCKKSSEWTTILCSSEKNLLLSFAEQFSRWAPDICTGFNDSRYDWPFIVEKSMQHGILEEIFNK
MSLFWHQKLDTILKCYYVKEKRVKISAEKSIISSFLHTPGCLPIDVRNMCMQLYPKAEKTSLKAFLENCGLDSKVDLPYH
LMWKYYETRDSEKIADVAYYCIIDAQRCQDLLVRHNVIPDRREVGILSYTSLYDCIYYAGGHKVCNMLIAYAIHDEYGRI
ACSTIARGKREHGKYPGAFVIDPVKGLEQDKPTTGLDFASLYPSLIMAYNFSPEKFVASRDEANSLMAKGESLHYVSFHF
NNRLVEGWFVRHNNVPDKMGLYPKVLIDLLNKRTALKQELKKLGEKKECIHESHPGFKELQFRHAMVDAKQKALKIFMNT
FYGEAGNNLSPFFLLPLAGGVTSSGQYNLKLVYNFVINKGYGIKYGDTDSLYITCPDSLYTEVTDAYLNSQKTIKHYEQL
CHEKVLLSMKAMSTLCAEVNEYLRQDNGTSYLRMAYEEVLFPVCFTGKKKYYGIAHVNTPNFNTKELFIRGIDIIKQGQT
KLTKTIGTRIMEESMKLRRPEDHRPPLIEIVKTVLKDAVVNMKQWNFEDFIQTDAWRPDKDNKAVQIFMSRMHARREQLK
KHGAAASQFAEPEPGERFSYVIVEKQVQFDIQGHRTDSSRKGDKMEYVSEAKAKNLPIDILFYINNYVLGLCARFINENE
EFQPPDNVSNKDEYAQRRAKSYLQKFVQSIHPKDKSVIKQGNVHRQCYKYIHQEIKKKIGIFADLYKEFFNNTTNPIESF
IQSTQFMIQYFDGEQKVNHSMKKMVEQHATASNRAGKPAGNPAGNALMRAIFTQLITEEKKIVQALYNKGDAIHDLLTYI
INNINYKIATFQTKQMLTFEFSSTHVELLLKLNKTWLILAGIHVAKKHLQAFLDSYNNESPSRTFIQQAIEEECGSIKPS
CYDFIS
;
A
2 'polydeoxyribonucleotide'
;(DA)(DA)(DT)(DG)(DG)(DT)(DA)(DG)(DG)(DG)(DG)(DA)(DA)(DG)(DG)(DA)(DT)(DC)(DG)(DT)
(DA)(DT)(DG)(DG)(DC)(DC)(DT)
;
D
3 'polydeoxyribonucleotide'
;(DA)(DG)(DG)(DC)(DC)(DA)(DT)(DA)(DC)(DG)(DA)(DT)(DC)(DC)(DT)(DT)(DC)(DC)(DC)(DC)
(DT)(DA)(DC)
;
E
#
loop_
_chem_comp.id
_chem_comp.type
_chem_comp.name
_chem_comp.formula
DA DNA linking 2'-DEOXYADENOSINE-5'-MONOPHOSPHATE 'C10 H14 N5 O6 P'
DC DNA linking 2'-DEOXYCYTIDINE-5'-MONOPHOSPHATE 'C9 H14 N3 O7 P'
DG DNA linking 2'-DEOXYGUANOSINE-5'-MONOPHOSPHATE 'C10 H14 N5 O7 P'
DT DNA linking THYMIDINE-5'-MONOPHOSPHATE 'C10 H15 N2 O8 P'
#
# COMPACT_ATOMS: atom_id res chain seq x y z
N SER A 3 11.55 41.29 -1.76
CA SER A 3 10.15 41.23 -2.15
C SER A 3 9.62 39.80 -2.08
N ILE A 4 10.06 39.06 -1.06
CA ILE A 4 9.65 37.68 -0.84
C ILE A 4 8.76 37.64 0.39
N MET A 5 7.64 36.94 0.27
CA MET A 5 6.61 36.92 1.31
C MET A 5 6.75 35.66 2.14
N ASP A 6 6.91 35.83 3.45
CA ASP A 6 7.18 34.71 4.34
C ASP A 6 5.90 33.95 4.67
N ARG A 7 6.02 32.97 5.57
CA ARG A 7 4.88 32.13 5.91
C ARG A 7 3.84 32.89 6.71
N SER A 8 4.29 33.75 7.63
CA SER A 8 3.35 34.48 8.49
C SER A 8 2.45 35.40 7.69
N GLU A 9 3.03 36.15 6.75
CA GLU A 9 2.22 37.05 5.95
C GLU A 9 1.30 36.30 5.00
N ILE A 10 1.76 35.16 4.47
CA ILE A 10 0.91 34.35 3.59
C ILE A 10 -0.29 33.82 4.37
N VAL A 11 -0.04 33.31 5.58
CA VAL A 11 -1.12 32.80 6.41
C VAL A 11 -2.08 33.91 6.80
N ALA A 12 -1.56 35.09 7.11
CA ALA A 12 -2.42 36.23 7.41
C ALA A 12 -3.24 36.65 6.21
N ARG A 13 -2.68 36.49 5.01
CA ARG A 13 -3.42 36.85 3.79
C ARG A 13 -4.52 35.85 3.50
N GLU A 14 -4.30 34.57 3.79
CA GLU A 14 -5.29 33.54 3.45
C GLU A 14 -6.56 33.68 4.28
N ASN A 15 -6.44 33.54 5.60
CA ASN A 15 -7.59 33.54 6.50
C ASN A 15 -7.39 34.56 7.62
N PRO A 16 -7.73 35.83 7.36
CA PRO A 16 -7.47 36.87 8.38
C PRO A 16 -8.25 36.69 9.67
N VAL A 17 -9.49 36.23 9.61
CA VAL A 17 -10.31 36.14 10.82
C VAL A 17 -9.79 35.04 11.74
N ILE A 18 -9.34 33.92 11.18
CA ILE A 18 -8.81 32.84 11.99
C ILE A 18 -7.50 33.27 12.65
N THR A 19 -6.65 33.99 11.91
CA THR A 19 -5.40 34.48 12.50
C THR A 19 -5.66 35.52 13.59
N GLN A 20 -6.68 36.36 13.40
CA GLN A 20 -7.04 37.31 14.46
C GLN A 20 -7.52 36.59 15.70
N ARG A 21 -8.35 35.56 15.53
CA ARG A 21 -8.79 34.79 16.69
C ARG A 21 -7.62 34.09 17.37
N VAL A 22 -6.68 33.56 16.57
CA VAL A 22 -5.52 32.87 17.13
C VAL A 22 -4.66 33.82 17.94
N THR A 23 -4.41 35.03 17.42
CA THR A 23 -3.54 35.94 18.15
C THR A 23 -4.25 36.53 19.37
N ASN A 24 -5.59 36.66 19.30
CA ASN A 24 -6.34 37.05 20.49
C ASN A 24 -6.25 35.98 21.57
N LEU A 25 -6.31 34.71 21.18
CA LEU A 25 -6.16 33.63 22.15
C LEU A 25 -4.74 33.57 22.69
N LEU A 26 -3.76 33.86 21.84
CA LEU A 26 -2.36 33.81 22.25
C LEU A 26 -2.04 34.92 23.24
N GLN A 27 -2.65 36.09 23.05
CA GLN A 27 -2.39 37.22 23.95
C GLN A 27 -2.87 36.93 25.36
N THR A 28 -4.02 36.26 25.49
CA THR A 28 -4.61 35.98 26.79
C THR A 28 -4.22 34.62 27.35
N ASN A 29 -3.32 33.89 26.67
CA ASN A 29 -2.84 32.58 27.10
C ASN A 29 -3.96 31.57 27.26
N ALA A 30 -4.96 31.63 26.39
CA ALA A 30 -6.09 30.72 26.41
C ALA A 30 -5.70 29.36 25.82
N PRO A 31 -6.44 28.29 26.16
CA PRO A 31 -6.20 27.00 25.51
C PRO A 31 -6.43 27.08 24.01
N LEU A 32 -5.62 26.36 23.25
CA LEU A 32 -5.68 26.43 21.79
C LEU A 32 -5.44 25.05 21.20
N LEU A 33 -5.43 24.99 19.86
CA LEU A 33 -5.33 23.74 19.14
C LEU A 33 -4.03 23.65 18.36
N PHE A 34 -3.54 22.42 18.20
CA PHE A 34 -2.28 22.17 17.52
C PHE A 34 -2.39 20.86 16.76
N MET A 35 -1.64 20.75 15.66
CA MET A 35 -1.55 19.49 14.93
C MET A 35 -0.08 19.19 14.65
N PRO A 36 0.42 18.02 15.03
CA PRO A 36 1.81 17.68 14.75
C PRO A 36 1.94 16.98 13.41
N ILE A 37 3.05 17.26 12.74
CA ILE A 37 3.41 16.55 11.50
C ILE A 37 4.71 15.78 11.61
N ASP A 38 5.81 16.40 12.04
CA ASP A 38 7.08 15.72 12.16
C ASP A 38 7.48 15.72 13.63
N ILE A 39 7.96 14.58 14.12
CA ILE A 39 8.26 14.39 15.52
C ILE A 39 9.73 14.08 15.68
N HIS A 40 10.41 14.87 16.50
CA HIS A 40 11.85 14.71 16.72
C HIS A 40 12.09 14.61 18.22
N GLU A 41 13.04 13.75 18.58
CA GLU A 41 13.35 13.52 19.99
C GLU A 41 14.85 13.57 20.19
N VAL A 42 15.25 14.05 21.36
CA VAL A 42 16.66 14.10 21.74
C VAL A 42 17.00 12.83 22.50
N ARG A 43 18.16 12.25 22.17
CA ARG A 43 18.56 10.97 22.74
C ARG A 43 19.46 11.14 23.96
N TYR A 44 20.43 12.04 23.90
CA TYR A 44 21.34 12.27 25.00
C TYR A 44 20.80 13.37 25.91
N GLY A 45 21.17 13.29 27.18
CA GLY A 45 20.71 14.28 28.14
C GLY A 45 19.26 14.10 28.51
N ALA A 46 18.70 15.15 29.11
CA ALA A 46 17.31 15.11 29.56
C ALA A 46 16.37 14.97 28.37
N TYR A 47 15.39 14.08 28.50
CA TYR A 47 14.53 13.74 27.38
C TYR A 47 13.47 14.82 27.19
N THR A 48 13.54 15.52 26.07
CA THR A 48 12.53 16.47 25.67
C THR A 48 12.04 16.10 24.28
N LEU A 49 10.72 15.99 24.12
CA LEU A 49 10.11 15.58 22.87
C LEU A 49 9.65 16.82 22.13
N PHE A 50 10.13 16.99 20.89
CA PHE A 50 9.79 18.14 20.06
C PHE A 50 8.67 17.74 19.12
N MET A 51 7.61 18.55 19.09
CA MET A 51 6.47 18.35 18.21
C MET A 51 6.38 19.57 17.30
N TYR A 52 6.63 19.35 16.02
CA TYR A 52 6.58 20.38 15.00
C TYR A 52 5.23 20.29 14.31
N GLY A 53 4.62 21.43 14.01
CA GLY A 53 3.37 21.38 13.29
C GLY A 53 2.72 22.73 13.13
N SER A 54 1.40 22.69 13.02
CA SER A 54 0.63 23.87 12.64
C SER A 54 -0.50 24.11 13.63
N LEU A 55 -0.78 25.38 13.89
CA LEU A 55 -1.96 25.75 14.64
C LEU A 55 -3.17 25.79 13.71
N GLU A 56 -4.29 26.30 14.21
CA GLU A 56 -5.51 26.26 13.43
C GLU A 56 -5.57 27.35 12.36
N ASN A 57 -4.60 28.26 12.32
CA ASN A 57 -4.56 29.27 11.27
C ASN A 57 -3.52 28.98 10.20
N GLY A 58 -2.45 28.26 10.53
CA GLY A 58 -1.35 28.01 9.61
C GLY A 58 0.01 28.41 10.12
N TYR A 59 0.11 28.91 11.34
CA TYR A 59 1.41 29.31 11.89
C TYR A 59 2.25 28.08 12.19
N LYS A 60 3.56 28.24 12.12
CA LYS A 60 4.48 27.15 12.44
C LYS A 60 4.76 27.13 13.93
N ALA A 61 4.52 25.99 14.57
CA ALA A 61 4.65 25.89 16.02
C ALA A 61 5.52 24.70 16.38
N GLU A 62 6.52 24.97 17.22
CA GLU A 62 7.31 23.96 17.89
C GLU A 62 6.88 23.92 19.35
N VAL A 63 6.49 22.73 19.83
CA VAL A 63 6.14 22.58 21.23
C VAL A 63 6.97 21.44 21.81
N ARG A 64 7.63 21.73 22.93
CA ARG A 64 8.49 20.76 23.58
C ARG A 64 7.83 20.25 24.86
N ILE A 65 7.78 18.94 24.99
CA ILE A 65 7.14 18.29 26.14
C ILE A 65 8.23 17.96 27.13
N GLU A 66 8.30 18.72 28.22
CA GLU A 66 9.30 18.50 29.25
C GLU A 66 8.79 17.51 30.28
N ASN A 67 9.74 16.87 30.97
CA ASN A 67 9.46 15.98 32.10
C ASN A 67 8.55 14.81 31.71
N ILE A 68 8.85 14.18 30.58
CA ILE A 68 8.18 12.91 30.24
C ILE A 68 8.77 11.81 31.10
N PRO A 69 7.96 11.00 31.79
CA PRO A 69 8.51 9.91 32.60
C PRO A 69 9.10 8.82 31.71
N VAL A 70 10.41 8.64 31.82
CA VAL A 70 11.14 7.62 31.07
C VAL A 70 11.30 6.40 31.97
N PHE A 71 10.78 5.26 31.53
CA PHE A 71 10.72 4.11 32.42
C PHE A 71 10.68 2.81 31.64
N PHE A 72 10.98 1.71 32.33
CA PHE A 72 10.61 0.40 31.86
C PHE A 72 10.44 -0.55 33.04
N ASP A 73 9.66 -1.62 32.83
CA ASP A 73 9.28 -2.54 33.89
C ASP A 73 10.09 -3.83 33.78
N VAL A 74 10.42 -4.42 34.92
CA VAL A 74 11.08 -5.71 35.01
C VAL A 74 10.25 -6.61 35.91
N GLN A 75 10.03 -7.85 35.48
CA GLN A 75 9.13 -8.78 36.16
C GLN A 75 9.93 -9.64 37.13
N ILE A 76 10.16 -9.12 38.34
CA ILE A 76 10.73 -9.88 39.44
C ILE A 76 9.90 -9.59 40.67
N GLU A 77 10.05 -10.46 41.68
CA GLU A 77 9.31 -10.32 42.91
C GLU A 77 9.78 -9.08 43.65
N PHE A 78 8.87 -8.17 43.97
CA PHE A 78 9.23 -6.92 44.62
C PHE A 78 9.50 -7.17 46.10
N ASN A 79 10.62 -6.62 46.58
CA ASN A 79 11.07 -6.76 47.96
C ASN A 79 12.24 -5.81 48.15
N ASP A 80 12.66 -5.64 49.40
CA ASP A 80 13.83 -4.83 49.67
C ASP A 80 15.10 -5.51 49.14
N THR A 81 15.21 -6.82 49.31
CA THR A 81 16.40 -7.54 48.88
C THR A 81 16.53 -7.55 47.36
N ASN A 82 15.43 -7.79 46.65
CA ASN A 82 15.46 -7.79 45.19
C ASN A 82 15.76 -6.39 44.65
N GLN A 83 15.18 -5.37 45.28
CA GLN A 83 15.46 -3.99 44.87
C GLN A 83 16.94 -3.65 45.08
N LEU A 84 17.51 -4.06 46.21
CA LEU A 84 18.93 -3.81 46.46
C LEU A 84 19.81 -4.56 45.47
N PHE A 85 19.43 -5.80 45.14
CA PHE A 85 20.21 -6.57 44.17
C PHE A 85 20.17 -5.93 42.79
N LEU A 86 18.99 -5.46 42.38
CA LEU A 86 18.89 -4.80 41.08
C LEU A 86 19.62 -3.47 41.08
N LYS A 87 19.62 -2.77 42.22
CA LYS A 87 20.41 -1.55 42.37
C LYS A 87 21.89 -1.84 42.19
N SER A 88 22.39 -2.91 42.82
CA SER A 88 23.79 -3.27 42.68
C SER A 88 24.12 -3.67 41.25
N LEU A 89 23.21 -4.39 40.60
CA LEU A 89 23.43 -4.78 39.21
C LEU A 89 23.51 -3.57 38.30
N LEU A 90 22.65 -2.57 38.51
CA LEU A 90 22.69 -1.37 37.69
C LEU A 90 23.93 -0.53 38.00
N THR A 91 24.32 -0.46 39.27
CA THR A 91 25.47 0.37 39.64
C THR A 91 26.78 -0.23 39.18
N ALA A 92 26.87 -1.56 39.16
CA ALA A 92 28.14 -2.22 38.81
C ALA A 92 28.56 -1.93 37.38
N GLU A 93 27.58 -1.80 36.48
CA GLU A 93 27.84 -1.48 35.07
C GLU A 93 27.53 -0.02 34.76
N ASN A 94 27.86 0.86 35.71
CA ASN A 94 27.77 2.33 35.71
C ASN A 94 26.61 2.87 34.88
N ILE A 95 25.39 2.45 35.22
CA ILE A 95 24.17 2.95 34.61
C ILE A 95 23.51 3.90 35.59
N VAL A 96 23.27 5.13 35.15
CA VAL A 96 22.71 6.16 36.04
C VAL A 96 21.21 5.98 36.12
N TYR A 97 20.71 5.77 37.33
CA TYR A 97 19.30 5.57 37.61
C TYR A 97 18.72 6.80 38.30
N GLU A 98 17.41 6.96 38.22
CA GLU A 98 16.73 8.05 38.92
C GLU A 98 16.07 7.58 40.21
N ARG A 99 15.12 6.66 40.11
CA ARG A 99 14.41 6.07 41.25
C ARG A 99 13.56 4.92 40.77
N LEU A 100 13.11 4.10 41.73
CA LEU A 100 12.44 2.84 41.45
C LEU A 100 11.04 2.84 42.07
N GLU A 101 10.14 2.09 41.43
CA GLU A 101 8.77 1.99 41.90
C GLU A 101 8.35 0.52 41.84
N THR A 102 7.36 0.16 42.64
CA THR A 102 6.80 -1.19 42.62
C THR A 102 5.34 -1.12 42.21
N LEU A 103 4.88 -2.15 41.49
CA LEU A 103 3.51 -2.19 41.01
C LEU A 103 3.13 -3.62 40.66
N THR A 104 1.89 -3.80 40.24
CA THR A 104 1.34 -5.10 39.87
C THR A 104 0.80 -5.03 38.44
N GLN A 105 1.05 -6.09 37.67
CA GLN A 105 0.66 -6.11 36.27
C GLN A 105 0.32 -7.53 35.84
N ARG A 106 -0.45 -7.64 34.77
CA ARG A 106 -0.87 -8.92 34.24
C ARG A 106 0.12 -9.39 33.17
N PRO A 107 0.73 -10.55 33.31
CA PRO A 107 1.55 -11.09 32.22
C PRO A 107 0.69 -11.41 31.00
N VAL A 108 1.30 -11.29 29.83
CA VAL A 108 0.55 -11.47 28.59
C VAL A 108 0.66 -12.90 28.04
N MET A 109 1.74 -13.60 28.36
CA MET A 109 1.95 -14.97 27.87
C MET A 109 1.67 -15.95 29.00
N GLY A 110 0.81 -16.93 28.73
CA GLY A 110 0.48 -17.93 29.72
C GLY A 110 -0.77 -17.60 30.51
N TYR A 111 -1.71 -18.55 30.59
CA TYR A 111 -2.93 -18.33 31.31
C TYR A 111 -2.75 -18.58 32.80
N ARG A 112 -3.31 -17.69 33.61
CA ARG A 112 -3.27 -17.81 35.06
C ARG A 112 -4.69 -17.74 35.60
N GLU A 113 -4.89 -18.33 36.77
CA GLU A 113 -6.21 -18.31 37.40
C GLU A 113 -6.49 -16.93 37.99
N LYS A 114 -7.67 -16.81 38.61
CA LYS A 114 -8.08 -15.52 39.15
C LYS A 114 -7.24 -15.11 40.36
N GLU A 115 -6.90 -16.08 41.22
CA GLU A 115 -6.12 -15.77 42.41
C GLU A 115 -4.71 -15.32 42.06
N LYS A 116 -4.08 -15.99 41.10
CA LYS A 116 -2.73 -15.66 40.66
C LYS A 116 -2.74 -14.80 39.40
N GLU A 117 -3.73 -13.93 39.26
CA GLU A 117 -3.89 -13.15 38.04
C GLU A 117 -2.85 -12.05 37.92
N PHE A 118 -2.45 -11.45 39.05
CA PHE A 118 -1.51 -10.34 39.04
C PHE A 118 -0.10 -10.82 39.38
N ALA A 119 0.89 -10.12 38.84
CA ALA A 119 2.29 -10.44 39.04
C ALA A 119 3.06 -9.18 39.42
N PRO A 120 4.04 -9.29 40.32
CA PRO A 120 4.78 -8.11 40.75
C PRO A 120 5.77 -7.63 39.70
N TYR A 121 5.87 -6.31 39.57
CA TYR A 121 6.78 -5.66 38.63
C TYR A 121 7.49 -4.51 39.33
N ILE A 122 8.73 -4.27 38.93
CA ILE A 122 9.50 -3.12 39.41
C ILE A 122 9.79 -2.21 38.24
N ARG A 123 9.41 -0.95 38.37
CA ARG A 123 9.56 0.04 37.32
C ARG A 123 10.80 0.88 37.58
N ILE A 124 11.67 0.97 36.56
CA ILE A 124 12.89 1.76 36.61
C ILE A 124 12.64 3.06 35.87
N PHE A 125 12.86 4.17 36.58
CA PHE A 125 12.85 5.52 36.02
C PHE A 125 14.26 5.94 35.62
N PHE A 126 14.33 6.74 34.56
CA PHE A 126 15.61 7.15 34.01
C PHE A 126 15.52 8.59 33.54
N LYS A 127 16.69 9.18 33.29
CA LYS A 127 16.78 10.56 32.84
C LYS A 127 17.06 10.69 31.35
N SER A 128 17.86 9.80 30.78
CA SER A 128 18.24 9.86 29.38
C SER A 128 17.92 8.54 28.70
N LEU A 129 17.71 8.60 27.39
CA LEU A 129 17.35 7.41 26.63
C LEU A 129 18.54 6.48 26.44
N TYR A 130 19.75 7.03 26.37
CA TYR A 130 20.93 6.21 26.18
C TYR A 130 21.17 5.30 27.39
N GLU A 131 21.01 5.85 28.60
CA GLU A 131 21.13 5.03 29.80
C GLU A 131 20.05 3.96 29.84
N ARG A 132 18.85 4.30 29.40
CA ARG A 132 17.77 3.32 29.36
C ARG A 132 18.07 2.18 28.39
N ARG A 133 18.63 2.51 27.21
CA ARG A 133 18.94 1.48 26.24
C ARG A 133 20.06 0.58 26.73
N LYS A 134 21.09 1.15 27.35
CA LYS A 134 22.17 0.33 27.90
C LYS A 134 21.65 -0.57 29.02
N ALA A 135 20.81 -0.03 29.90
CA ALA A 135 20.27 -0.83 31.00
C ALA A 135 19.36 -1.93 30.48
N ILE A 136 18.55 -1.64 29.46
CA ILE A 136 17.62 -2.64 28.94
C ILE A 136 18.38 -3.76 28.25
N THR A 137 19.47 -3.42 27.54
CA THR A 137 20.30 -4.45 26.93
C THR A 137 20.97 -5.31 28.00
N TYR A 138 21.47 -4.67 29.06
CA TYR A 138 22.13 -5.43 30.13
C TYR A 138 21.16 -6.35 30.84
N LEU A 139 19.93 -5.88 31.12
CA LEU A 139 18.97 -6.71 31.83
C LEU A 139 18.40 -7.81 30.94
N ASN A 140 18.31 -7.56 29.63
CA ASN A 140 17.86 -8.63 28.74
C ASN A 140 18.95 -9.68 28.56
N ASN A 141 20.22 -9.28 28.62
CA ASN A 141 21.30 -10.25 28.50
C ASN A 141 21.42 -11.15 29.72
N MET A 142 20.85 -10.74 30.86
CA MET A 142 20.90 -11.53 32.08
C MET A 142 19.68 -12.44 32.25
N GLY A 143 18.79 -12.48 31.27
CA GLY A 143 17.66 -13.38 31.32
C GLY A 143 16.44 -12.85 32.04
N TYR A 144 16.46 -11.62 32.53
CA TYR A 144 15.30 -11.05 33.20
C TYR A 144 14.23 -10.67 32.19
N ASN A 145 12.97 -10.84 32.58
CA ASN A 145 11.86 -10.42 31.74
C ASN A 145 11.65 -8.92 31.84
N THR A 146 11.36 -8.28 30.70
CA THR A 146 11.23 -6.84 30.63
C THR A 146 9.94 -6.48 29.93
N ALA A 147 9.17 -5.57 30.53
CA ALA A 147 7.93 -5.07 29.97
C ALA A 147 8.02 -3.56 29.78
N ALA A 148 7.21 -3.06 28.85
CA ALA A 148 7.31 -1.68 28.36
C ALA A 148 8.74 -1.39 27.91
N ASP A 149 9.18 -2.16 26.93
CA ASP A 149 10.58 -2.29 26.59
C ASP A 149 10.86 -1.87 25.14
N ASP A 150 10.28 -0.74 24.74
CA ASP A 150 10.60 -0.20 23.42
C ASP A 150 12.04 0.28 23.38
N THR A 151 12.78 -0.13 22.35
CA THR A 151 14.18 0.21 22.24
C THR A 151 14.51 1.10 21.04
N THR A 152 13.63 1.14 20.03
CA THR A 152 13.90 1.91 18.82
C THR A 152 13.43 3.35 18.94
N CYS A 153 12.14 3.55 19.16
CA CYS A 153 11.57 4.88 19.27
C CYS A 153 10.77 4.98 20.56
N TYR A 154 10.89 6.12 21.25
CA TYR A 154 10.22 6.31 22.52
C TYR A 154 9.01 7.23 22.45
N TYR A 155 8.79 7.91 21.32
CA TYR A 155 7.55 8.68 21.20
C TYR A 155 6.33 7.77 21.11
N ARG A 156 6.53 6.51 20.72
CA ARG A 156 5.45 5.53 20.78
C ARG A 156 5.00 5.29 22.22
N MET A 157 5.96 5.29 23.16
CA MET A 157 5.63 5.20 24.58
C MET A 157 4.76 6.38 25.01
N VAL A 158 5.12 7.59 24.57
CA VAL A 158 4.37 8.78 24.96
C VAL A 158 2.98 8.74 24.35
N SER A 159 2.86 8.21 23.14
CA SER A 159 1.55 8.11 22.50
C SER A 159 0.68 7.06 23.20
N ARG A 160 1.28 5.93 23.58
CA ARG A 160 0.52 4.86 24.21
C ARG A 160 0.05 5.26 25.60
N GLU A 161 0.96 5.78 26.42
CA GLU A 161 0.66 5.96 27.84
C GLU A 161 -0.30 7.11 28.08
N LEU A 162 -0.23 8.17 27.26
CA LEU A 162 -0.93 9.41 27.55
C LEU A 162 -2.22 9.59 26.76
N LYS A 163 -2.63 8.57 25.97
CA LYS A 163 -3.78 8.69 25.06
C LYS A 163 -3.64 9.91 24.15
N LEU A 164 -2.43 10.11 23.64
CA LEU A 164 -2.10 11.30 22.85
C LEU A 164 -1.74 10.87 21.44
N PRO A 165 -2.66 10.93 20.49
CA PRO A 165 -2.30 10.66 19.10
C PRO A 165 -1.41 11.76 18.54
N LEU A 166 -0.36 11.34 17.84
CA LEU A 166 0.59 12.27 17.26
C LEU A 166 0.23 12.68 15.84
N THR A 167 -0.85 12.15 15.29
CA THR A 167 -1.32 12.56 13.97
C THR A 167 -2.68 13.25 14.03
N SER A 168 -3.25 13.41 15.22
CA SER A 168 -4.54 14.07 15.41
C SER A 168 -4.34 15.38 16.15
N TRP A 169 -5.45 16.06 16.39
CA TRP A 169 -5.38 17.36 17.06
C TRP A 169 -5.04 17.18 18.53
N ILE A 170 -4.33 18.16 19.09
CA ILE A 170 -3.94 18.17 20.49
C ILE A 170 -4.22 19.56 21.04
N GLN A 171 -4.81 19.62 22.23
CA GLN A 171 -5.15 20.89 22.86
C GLN A 171 -4.07 21.31 23.84
N LEU A 172 -3.57 22.53 23.65
CA LEU A 172 -2.57 23.13 24.52
C LEU A 172 -3.30 23.95 25.58
N GLN A 173 -3.11 23.57 26.84
CA GLN A 173 -3.60 24.31 27.98
C GLN A 173 -2.45 24.57 28.94
N HIS A 174 -2.37 25.80 29.44
CA HIS A 174 -1.34 26.23 30.39
C HIS A 174 0.07 26.03 29.81
N TYR A 175 0.36 26.77 28.75
CA TYR A 175 1.63 26.69 28.05
C TYR A 175 2.50 27.91 28.38
N SER A 176 3.65 27.99 27.72
CA SER A 176 4.60 29.09 27.90
C SER A 176 5.09 29.55 26.54
N TYR A 177 4.45 30.58 26.00
CA TYR A 177 4.74 31.08 24.66
C TYR A 177 6.08 31.80 24.63
N GLU A 178 6.78 31.64 23.51
CA GLU A 178 7.99 32.42 23.24
C GLU A 178 8.13 32.54 21.73
N PRO A 179 8.14 33.76 21.19
CA PRO A 179 8.29 33.93 19.75
C PRO A 179 9.73 34.09 19.30
N ARG A 180 10.06 33.47 18.17
CA ARG A 180 11.36 33.64 17.55
C ARG A 180 11.21 33.84 16.05
N GLY A 181 10.21 34.62 15.64
CA GLY A 181 10.01 34.90 14.23
C GLY A 181 8.98 34.00 13.59
N LEU A 182 9.41 33.21 12.60
CA LEU A 182 8.48 32.37 11.84
C LEU A 182 7.98 31.18 12.62
N VAL A 183 8.57 30.87 13.78
CA VAL A 183 8.20 29.71 14.58
C VAL A 183 7.79 30.21 15.97
N HIS A 184 6.77 29.56 16.54
CA HIS A 184 6.32 29.86 17.89
C HIS A 184 6.67 28.68 18.80
N ARG A 185 7.39 28.95 19.89
CA ARG A 185 7.84 27.91 20.79
C ARG A 185 6.92 27.85 22.01
N PHE A 186 6.40 26.65 22.29
CA PHE A 186 5.66 26.37 23.51
C PHE A 186 6.41 25.30 24.30
N SER A 187 6.29 25.37 25.62
CA SER A 187 6.84 24.35 26.51
C SER A 187 5.71 23.83 27.38
N VAL A 188 5.49 22.52 27.35
CA VAL A 188 4.35 21.93 28.02
C VAL A 188 4.78 20.77 28.92
N THR A 189 4.07 20.64 30.02
CA THR A 189 4.00 19.56 30.98
C THR A 189 3.03 18.50 30.46
N PRO A 190 3.42 17.22 30.48
CA PRO A 190 2.58 16.20 29.82
C PRO A 190 1.22 16.01 30.46
N GLU A 191 1.02 16.45 31.70
CA GLU A 191 -0.31 16.47 32.28
C GLU A 191 -1.15 17.65 31.81
N ASP A 192 -0.55 18.57 31.03
CA ASP A 192 -1.28 19.69 30.46
C ASP A 192 -1.64 19.49 29.00
N LEU A 193 -1.53 18.26 28.49
CA LEU A 193 -1.87 17.94 27.11
C LEU A 193 -3.06 16.99 27.10
N VAL A 194 -4.01 17.25 26.20
CA VAL A 194 -5.17 16.39 26.03
C VAL A 194 -5.45 16.26 24.54
N SER A 195 -6.05 15.14 24.16
CA SER A 195 -6.47 14.96 22.78
C SER A 195 -7.83 15.60 22.55
N TYR A 196 -8.06 16.08 21.33
CA TYR A 196 -9.29 16.78 21.00
C TYR A 196 -10.29 15.74 20.51
N GLN A 197 -11.35 15.52 21.29
CA GLN A 197 -12.18 14.34 21.11
C GLN A 197 -13.01 14.41 19.85
N ASN A 198 -13.69 15.53 19.61
CA ASN A 198 -14.65 15.62 18.52
C ASN A 198 -13.96 15.97 17.21
N ASP A 199 -14.76 16.26 16.19
CA ASP A 199 -14.22 16.56 14.87
C ASP A 199 -13.55 17.93 14.88
N GLY A 200 -12.29 17.96 14.48
CA GLY A 200 -11.50 19.18 14.54
C GLY A 200 -11.82 20.10 13.38
N PRO A 201 -11.26 21.30 13.45
CA PRO A 201 -11.42 22.26 12.35
C PRO A 201 -10.64 21.85 11.11
N THR A 202 -10.75 22.63 10.05
CA THR A 202 -10.02 22.33 8.82
C THR A 202 -8.52 22.51 9.05
N ASP A 203 -7.74 21.55 8.58
CA ASP A 203 -6.29 21.63 8.74
C ASP A 203 -5.70 22.70 7.84
N HIS A 204 -4.59 23.27 8.29
CA HIS A 204 -3.91 24.33 7.56
C HIS A 204 -2.40 24.09 7.56
N SER A 205 -1.98 22.85 7.31
CA SER A 205 -0.58 22.56 7.14
C SER A 205 -0.14 22.93 5.72
N ILE A 206 1.17 22.95 5.50
CA ILE A 206 1.76 23.41 4.25
C ILE A 206 2.62 22.29 3.67
N VAL A 207 2.38 21.97 2.40
CA VAL A 207 3.17 20.98 1.68
C VAL A 207 3.88 21.68 0.54
N MET A 208 5.21 21.55 0.51
CA MET A 208 6.04 22.12 -0.54
C MET A 208 6.33 21.01 -1.54
N ALA A 209 5.88 21.21 -2.78
CA ALA A 209 6.19 20.30 -3.87
C ALA A 209 7.32 20.91 -4.69
N TYR A 210 8.41 20.16 -4.85
CA TYR A 210 9.59 20.66 -5.53
C TYR A 210 10.04 19.69 -6.60
N ASP A 211 10.64 20.24 -7.66
CA ASP A 211 11.17 19.45 -8.75
C ASP A 211 12.47 20.07 -9.22
N ILE A 212 13.34 19.23 -9.77
CA ILE A 212 14.70 19.58 -10.14
C ILE A 212 14.92 19.22 -11.60
N GLU A 213 15.51 20.14 -12.36
CA GLU A 213 15.94 19.85 -13.72
C GLU A 213 17.44 20.08 -13.81
N THR A 214 18.14 19.14 -14.43
CA THR A 214 19.59 19.01 -14.35
C THR A 214 20.20 19.03 -15.75
N TYR A 215 21.53 18.99 -15.80
CA TYR A 215 22.27 19.05 -17.06
C TYR A 215 23.53 18.19 -16.95
N SER A 216 23.91 17.59 -18.08
CA SER A 216 25.11 16.77 -18.16
C SER A 216 25.82 17.05 -19.47
N PRO A 217 27.12 17.36 -19.44
CA PRO A 217 27.86 17.57 -20.69
C PRO A 217 27.92 16.33 -21.57
N VAL A 218 27.97 15.13 -20.98
CA VAL A 218 27.95 13.90 -21.76
C VAL A 218 26.53 13.68 -22.26
N LYS A 219 26.34 13.73 -23.58
CA LYS A 219 25.00 13.71 -24.15
C LYS A 219 24.36 12.33 -24.02
N GLY A 220 23.06 12.33 -23.79
CA GLY A 220 22.28 11.11 -23.79
C GLY A 220 22.44 10.23 -22.56
N THR A 221 23.08 10.72 -21.51
CA THR A 221 23.28 9.97 -20.29
C THR A 221 22.60 10.68 -19.13
N VAL A 222 22.08 9.90 -18.19
CA VAL A 222 21.46 10.48 -17.00
C VAL A 222 22.52 11.20 -16.17
N PRO A 223 22.27 12.41 -15.71
CA PRO A 223 23.26 13.10 -14.87
C PRO A 223 23.47 12.37 -13.55
N ASP A 224 24.72 12.38 -13.10
CA ASP A 224 25.13 11.65 -11.91
C ASP A 224 25.72 12.60 -10.89
N PRO A 225 25.35 12.47 -9.61
CA PRO A 225 25.86 13.42 -8.60
C PRO A 225 27.37 13.40 -8.42
N ASN A 226 28.01 12.24 -8.62
CA ASN A 226 29.44 12.15 -8.32
C ASN A 226 30.29 12.92 -9.31
N GLN A 227 29.81 13.11 -10.54
CA GLN A 227 30.58 13.82 -11.55
C GLN A 227 30.67 15.30 -11.19
N ALA A 228 31.85 15.89 -11.41
CA ALA A 228 32.08 17.28 -11.04
C ALA A 228 31.40 18.23 -12.01
N ASN A 229 31.34 17.88 -13.29
CA ASN A 229 30.75 18.78 -14.28
C ASN A 229 29.23 18.76 -14.23
N ASP A 230 28.65 17.75 -13.58
CA ASP A 230 27.20 17.63 -13.52
C ASP A 230 26.62 18.68 -12.58
N VAL A 231 25.56 19.37 -13.03
CA VAL A 231 24.98 20.47 -12.30
C VAL A 231 23.47 20.39 -12.30
N VAL A 232 22.85 21.01 -11.29
CA VAL A 232 21.42 21.32 -11.27
C VAL A 232 21.25 22.74 -11.78
N PHE A 233 20.15 23.00 -12.49
CA PHE A 233 19.91 24.34 -13.00
C PHE A 233 18.49 24.85 -12.85
N MET A 234 17.47 23.98 -12.75
CA MET A 234 16.13 24.39 -12.33
C MET A 234 15.83 23.78 -10.97
N ILE A 235 15.42 24.63 -10.03
CA ILE A 235 14.82 24.17 -8.77
C ILE A 235 13.49 24.91 -8.66
N CYS A 236 12.39 24.22 -8.93
CA CYS A 236 11.08 24.87 -8.94
C CYS A 236 10.21 24.27 -7.84
N MET A 237 9.64 25.12 -7.01
CA MET A 237 8.88 24.62 -5.87
C MET A 237 7.71 25.53 -5.52
N ARG A 238 6.61 24.91 -5.11
CA ARG A 238 5.39 25.60 -4.75
C ARG A 238 4.94 25.13 -3.37
N ILE A 239 4.20 25.99 -2.67
CA ILE A 239 3.62 25.64 -1.37
C ILE A 239 2.10 25.60 -1.51
N PHE A 240 1.52 24.52 -1.02
CA PHE A 240 0.08 24.27 -1.11
C PHE A 240 -0.44 23.95 0.27
N TRP A 241 -1.77 24.01 0.42
CA TRP A 241 -2.39 23.50 1.63
C TRP A 241 -2.34 21.98 1.65
N ILE A 242 -2.70 21.42 2.81
CA ILE A 242 -2.70 19.98 2.98
C ILE A 242 -3.80 19.31 2.17
N HIS A 243 -4.85 20.05 1.80
CA HIS A 243 -6.03 19.46 1.19
C HIS A 243 -6.50 20.22 -0.04
N SER A 244 -5.66 21.07 -0.62
CA SER A 244 -6.03 21.85 -1.79
C SER A 244 -4.92 21.81 -2.82
N THR A 245 -5.31 22.01 -4.09
CA THR A 245 -4.35 22.05 -5.18
C THR A 245 -4.09 23.46 -5.70
N GLU A 246 -4.68 24.47 -5.10
CA GLU A 246 -4.42 25.84 -5.54
C GLU A 246 -3.05 26.31 -5.06
N PRO A 247 -2.27 26.96 -5.92
CA PRO A 247 -0.95 27.45 -5.50
C PRO A 247 -1.02 28.63 -4.54
N LEU A 248 -0.53 28.46 -3.32
CA LEU A 248 -0.39 29.60 -2.41
C LEU A 248 0.74 30.51 -2.86
N ALA A 249 1.90 29.93 -3.18
CA ALA A 249 3.04 30.69 -3.65
C ALA A 249 4.01 29.75 -4.35
N SER A 250 4.55 30.20 -5.48
CA SER A 250 5.43 29.38 -6.31
C SER A 250 6.72 30.15 -6.58
N THR A 251 7.82 29.41 -6.79
CA THR A 251 9.07 30.04 -7.13
C THR A 251 9.90 29.12 -8.00
N CYS A 252 10.79 29.75 -8.77
CA CYS A 252 11.75 29.08 -9.64
C CYS A 252 13.13 29.65 -9.36
N ILE A 253 14.10 28.77 -9.16
CA ILE A 253 15.45 29.17 -8.80
C ILE A 253 16.36 28.63 -9.90
N THR A 254 17.13 29.51 -10.53
CA THR A 254 17.74 29.23 -11.83
C THR A 254 19.15 29.76 -11.92
N MET A 255 19.89 29.25 -12.92
CA MET A 255 21.14 29.82 -13.38
C MET A 255 20.95 30.65 -14.63
N ALA A 256 20.41 30.04 -15.69
CA ALA A 256 20.26 30.70 -16.97
C ALA A 256 19.25 31.83 -16.88
N PRO A 257 19.46 32.91 -17.62
CA PRO A 257 18.50 34.02 -17.61
C PRO A 257 17.12 33.59 -18.09
N CYS A 258 16.09 34.14 -17.46
CA CYS A 258 14.71 33.82 -17.78
C CYS A 258 13.87 35.08 -17.75
N LYS A 259 12.78 35.04 -18.50
CA LYS A 259 11.82 36.14 -18.52
C LYS A 259 11.08 36.22 -17.20
N LYS A 260 10.82 37.43 -16.74
CA LYS A 260 9.95 37.65 -15.59
C LYS A 260 8.55 37.12 -15.89
N SER A 261 7.99 36.38 -14.94
CA SER A 261 6.68 35.77 -15.11
C SER A 261 5.75 36.26 -14.02
N SER A 262 4.47 36.43 -14.37
CA SER A 262 3.48 36.93 -13.45
C SER A 262 2.81 35.82 -12.64
N GLU A 263 3.08 34.56 -12.94
CA GLU A 263 2.49 33.45 -12.19
C GLU A 263 3.44 32.82 -11.19
N TRP A 264 4.73 33.13 -11.25
CA TRP A 264 5.69 32.62 -10.29
C TRP A 264 6.88 33.56 -10.22
N THR A 265 7.67 33.43 -9.16
CA THR A 265 8.81 34.29 -8.92
C THR A 265 10.09 33.57 -9.33
N THR A 266 10.91 34.23 -10.14
CA THR A 266 12.17 33.67 -10.61
C THR A 266 13.33 34.44 -9.99
N ILE A 267 14.24 33.71 -9.35
CA ILE A 267 15.43 34.30 -8.74
C ILE A 267 16.65 33.78 -9.48
N LEU A 268 17.48 34.71 -9.94
CA LEU A 268 18.67 34.37 -10.72
C LEU A 268 19.85 34.15 -9.79
N CYS A 269 20.59 33.07 -10.02
CA CYS A 269 21.79 32.75 -9.28
C CYS A 269 22.95 32.56 -10.25
N SER A 270 24.11 33.09 -9.89
CA SER A 270 25.28 33.07 -10.76
C SER A 270 26.14 31.82 -10.60
N SER A 271 25.82 30.95 -9.65
CA SER A 271 26.61 29.75 -9.42
C SER A 271 25.74 28.69 -8.77
N GLU A 272 26.24 27.46 -8.77
CA GLU A 272 25.50 26.35 -8.16
C GLU A 272 25.41 26.52 -6.65
N LYS A 273 26.47 27.03 -6.03
CA LYS A 273 26.43 27.30 -4.59
C LYS A 273 25.36 28.33 -4.26
N ASN A 274 25.28 29.39 -5.06
CA ASN A 274 24.25 30.41 -4.85
C ASN A 274 22.87 29.83 -5.12
N LEU A 275 22.77 28.92 -6.08
CA LEU A 275 21.51 28.24 -6.36
C LEU A 275 21.03 27.46 -5.14
N LEU A 276 21.92 26.67 -4.53
CA LEU A 276 21.55 25.89 -3.36
C LEU A 276 21.25 26.79 -2.17
N LEU A 277 22.00 27.88 -2.01
CA LEU A 277 21.73 28.79 -0.89
C LEU A 277 20.40 29.50 -1.06
N SER A 278 20.03 29.84 -2.30
CA SER A 278 18.72 30.44 -2.54
C SER A 278 17.62 29.44 -2.24
N PHE A 279 17.82 28.17 -2.61
CA PHE A 279 16.85 27.13 -2.27
C PHE A 279 16.68 27.01 -0.76
N ALA A 280 17.79 27.00 -0.02
CA ALA A 280 17.73 26.90 1.43
C ALA A 280 17.06 28.12 2.05
N GLU A 281 17.34 29.31 1.51
CA GLU A 281 16.74 30.53 2.05
C GLU A 281 15.23 30.55 1.83
N GLN A 282 14.78 30.17 0.64
CA GLN A 282 13.35 30.12 0.39
C GLN A 282 12.67 29.05 1.24
N PHE A 283 13.35 27.92 1.45
CA PHE A 283 12.86 26.90 2.37
C PHE A 283 12.69 27.46 3.78
N SER A 284 13.70 28.18 4.27
CA SER A 284 13.64 28.72 5.62
C SER A 284 12.54 29.77 5.75
N ARG A 285 12.34 30.56 4.70
CA ARG A 285 11.32 31.59 4.76
C ARG A 285 9.91 31.00 4.69
N TRP A 286 9.72 29.96 3.88
CA TRP A 286 8.40 29.35 3.76
C TRP A 286 8.09 28.39 4.91
N ALA A 287 9.11 27.66 5.40
CA ALA A 287 9.00 26.60 6.41
C ALA A 287 7.92 25.58 6.07
N PRO A 288 8.15 24.68 5.11
CA PRO A 288 7.15 23.63 4.83
C PRO A 288 6.92 22.73 6.03
N ASP A 289 5.66 22.31 6.21
CA ASP A 289 5.37 21.22 7.13
C ASP A 289 5.71 19.87 6.51
N ILE A 290 5.47 19.72 5.20
CA ILE A 290 5.76 18.51 4.47
C ILE A 290 6.53 18.88 3.20
N CYS A 291 7.55 18.10 2.87
CA CYS A 291 8.25 18.23 1.59
C CYS A 291 7.85 17.06 0.70
N THR A 292 7.74 17.31 -0.59
CA THR A 292 7.32 16.25 -1.50
C THR A 292 7.81 16.53 -2.92
N GLY A 293 7.84 15.47 -3.71
CA GLY A 293 8.27 15.53 -5.08
C GLY A 293 8.34 14.11 -5.62
N PHE A 294 8.15 13.99 -6.93
CA PHE A 294 8.10 12.67 -7.53
C PHE A 294 9.51 12.11 -7.69
N ASN A 295 9.73 10.92 -7.14
CA ASN A 295 11.02 10.25 -7.14
C ASN A 295 12.11 11.14 -6.55
N ASP A 296 11.76 11.86 -5.49
CA ASP A 296 12.71 12.78 -4.87
C ASP A 296 13.65 12.09 -3.89
N SER A 297 13.38 10.85 -3.52
CA SER A 297 14.25 10.12 -2.61
C SER A 297 15.32 9.29 -3.33
N ARG A 298 15.35 9.32 -4.66
CA ARG A 298 16.34 8.58 -5.41
C ARG A 298 17.15 9.42 -6.39
N TYR A 299 16.65 10.56 -6.82
CA TYR A 299 17.42 11.39 -7.73
C TYR A 299 17.56 12.83 -7.26
N ASP A 300 16.56 13.37 -6.57
CA ASP A 300 16.59 14.79 -6.20
C ASP A 300 17.44 15.03 -4.96
N TRP A 301 17.02 14.45 -3.84
CA TRP A 301 17.75 14.65 -2.58
C TRP A 301 19.19 14.14 -2.61
N PRO A 302 19.50 12.94 -3.13
CA PRO A 302 20.92 12.54 -3.18
C PRO A 302 21.78 13.50 -3.99
N PHE A 303 21.24 14.03 -5.09
CA PHE A 303 22.05 14.89 -5.94
C PHE A 303 22.24 16.24 -5.26
N ILE A 304 21.19 16.74 -4.59
CA ILE A 304 21.29 17.99 -3.84
C ILE A 304 22.31 17.87 -2.71
N VAL A 305 22.24 16.78 -1.94
CA VAL A 305 23.14 16.65 -0.80
C VAL A 305 24.57 16.38 -1.26
N GLU A 306 24.74 15.69 -2.39
CA GLU A 306 26.08 15.45 -2.91
C GLU A 306 26.71 16.74 -3.41
N LYS A 307 25.93 17.59 -4.08
CA LYS A 307 26.47 18.87 -4.51
C LYS A 307 26.70 19.81 -3.34
N SER A 308 25.91 19.68 -2.28
CA SER A 308 26.16 20.47 -1.08
C SER A 308 27.45 20.03 -0.39
N MET A 309 27.71 18.73 -0.38
CA MET A 309 28.94 18.22 0.22
C MET A 309 30.15 18.57 -0.61
N GLN A 310 30.00 18.60 -1.94
CA GLN A 310 31.11 18.95 -2.81
C GLN A 310 31.56 20.38 -2.61
N HIS A 311 30.61 21.31 -2.49
CA HIS A 311 30.93 22.71 -2.27
C HIS A 311 31.15 23.04 -0.80
N GLY A 312 30.94 22.09 0.10
CA GLY A 312 31.10 22.34 1.52
C GLY A 312 30.11 23.32 2.11
N ILE A 313 28.84 23.22 1.71
CA ILE A 313 27.81 24.12 2.22
C ILE A 313 26.66 23.31 2.81
N LEU A 314 26.91 22.03 3.09
CA LEU A 314 25.86 21.18 3.63
C LEU A 314 25.46 21.61 5.04
N GLU A 315 26.44 21.97 5.87
CA GLU A 315 26.16 22.34 7.25
C GLU A 315 25.28 23.59 7.32
N GLU A 316 25.62 24.61 6.54
CA GLU A 316 24.87 25.85 6.59
C GLU A 316 23.48 25.69 5.97
N ILE A 317 23.37 24.89 4.91
CA ILE A 317 22.07 24.62 4.31
C ILE A 317 21.16 23.88 5.28
N PHE A 318 21.70 22.85 5.94
CA PHE A 318 20.92 22.11 6.93
C PHE A 318 20.51 22.99 8.10
N ASN A 319 21.44 23.82 8.59
CA ASN A 319 21.12 24.63 9.75
C ASN A 319 20.15 25.75 9.42
N LYS A 320 20.12 26.20 8.17
CA LYS A 320 19.10 27.18 7.77
C LYS A 320 17.76 26.49 7.54
N MET A 321 17.76 25.24 7.08
CA MET A 321 16.51 24.57 6.76
C MET A 321 15.89 23.89 7.97
N SER A 322 16.61 23.79 9.08
CA SER A 322 16.13 23.08 10.25
C SER A 322 15.77 24.05 11.38
N LEU A 323 14.73 23.70 12.13
CA LEU A 323 14.30 24.48 13.28
C LEU A 323 15.01 24.07 14.57
N PHE A 324 15.78 22.99 14.53
CA PHE A 324 16.52 22.49 15.67
C PHE A 324 17.77 23.35 15.83
N TRP A 325 18.53 23.16 16.92
CA TRP A 325 19.70 24.00 17.14
C TRP A 325 20.81 23.71 16.12
N HIS A 326 21.90 24.45 16.26
CA HIS A 326 23.04 24.34 15.36
C HIS A 326 23.67 22.95 15.48
N GLN A 327 24.05 22.38 14.34
CA GLN A 327 24.67 21.07 14.31
C GLN A 327 25.82 21.06 13.33
N LYS A 328 26.77 20.17 13.57
CA LYS A 328 27.98 20.08 12.77
C LYS A 328 27.80 19.10 11.62
N LEU A 329 28.78 19.11 10.70
CA LEU A 329 28.65 18.35 9.45
C LEU A 329 28.61 16.85 9.70
N ASP A 330 29.41 16.36 10.63
CA ASP A 330 29.47 14.92 10.90
C ASP A 330 28.13 14.40 11.41
N THR A 331 27.50 15.14 12.33
CA THR A 331 26.19 14.74 12.83
C THR A 331 25.14 14.74 11.73
N ILE A 332 25.21 15.74 10.84
CA ILE A 332 24.28 15.81 9.72
C ILE A 332 24.45 14.61 8.80
N LEU A 333 25.70 14.25 8.49
CA LEU A 333 25.93 13.13 7.59
C LEU A 333 25.63 11.79 8.25
N LYS A 334 25.69 11.72 9.57
CA LYS A 334 25.51 10.44 10.26
C LYS A 334 24.06 10.18 10.63
N CYS A 335 23.46 11.07 11.41
CA CYS A 335 22.16 10.79 12.04
C CYS A 335 20.96 11.28 11.25
N TYR A 336 21.11 12.31 10.42
CA TYR A 336 19.97 12.93 9.77
C TYR A 336 19.85 12.63 8.29
N TYR A 337 20.96 12.48 7.57
CA TYR A 337 20.93 12.14 6.15
C TYR A 337 20.88 10.62 6.05
N VAL A 338 19.68 10.08 5.85
CA VAL A 338 19.53 8.64 5.75
C VAL A 338 19.97 8.16 4.38
N LYS A 339 20.61 7.00 4.34
CA LYS A 339 21.07 6.41 3.10
C LYS A 339 20.61 4.96 3.02
N GLU A 340 20.12 4.58 1.83
CA GLU A 340 19.74 3.21 1.53
C GLU A 340 18.67 2.68 2.49
N LYS A 341 17.71 3.52 2.83
CA LYS A 341 16.59 3.08 3.66
C LYS A 341 15.65 2.21 2.83
N ARG A 342 15.10 1.19 3.47
CA ARG A 342 14.26 0.21 2.79
C ARG A 342 12.79 0.52 3.08
N VAL A 343 12.00 0.66 2.02
CA VAL A 343 10.57 0.91 2.14
C VAL A 343 9.82 -0.26 1.50
N LYS A 344 8.84 -0.79 2.20
CA LYS A 344 8.14 -2.00 1.79
C LYS A 344 6.84 -1.65 1.06
N ILE A 345 6.62 -2.30 -0.08
CA ILE A 345 5.39 -2.14 -0.85
C ILE A 345 4.48 -3.33 -0.61
N SER A 346 4.99 -4.52 -0.88
CA SER A 346 4.24 -5.76 -0.74
C SER A 346 5.17 -6.80 -0.11
N ALA A 347 4.75 -8.07 -0.19
CA ALA A 347 5.53 -9.14 0.44
C ALA A 347 6.83 -9.42 -0.31
N GLU A 348 6.97 -8.97 -1.55
CA GLU A 348 8.14 -9.29 -2.36
C GLU A 348 8.81 -8.09 -3.00
N LYS A 349 8.31 -6.88 -2.79
CA LYS A 349 8.84 -5.68 -3.42
C LYS A 349 9.34 -4.71 -2.36
N SER A 350 10.55 -4.20 -2.55
CA SER A 350 11.14 -3.21 -1.65
C SER A 350 11.84 -2.15 -2.46
N ILE A 351 11.94 -0.95 -1.88
CA ILE A 351 12.52 0.20 -2.56
C ILE A 351 13.64 0.77 -1.69
N ILE A 352 14.67 1.27 -2.35
CA ILE A 352 15.76 2.00 -1.71
C ILE A 352 15.48 3.48 -1.81
N SER A 353 15.52 4.18 -0.67
CA SER A 353 15.25 5.61 -0.63
C SER A 353 16.33 6.32 0.20
N SER A 354 16.55 7.59 -0.13
CA SER A 354 17.51 8.42 0.60
C SER A 354 17.01 9.85 0.61
N PHE A 355 16.94 10.45 1.79
CA PHE A 355 16.43 11.81 1.93
C PHE A 355 17.12 12.50 3.09
N LEU A 356 16.99 13.82 3.13
CA LEU A 356 17.55 14.65 4.20
C LEU A 356 16.41 15.03 5.13
N HIS A 357 16.32 14.36 6.27
CA HIS A 357 15.23 14.55 7.22
C HIS A 357 15.57 15.73 8.12
N THR A 358 15.42 16.93 7.57
CA THR A 358 15.60 18.14 8.36
C THR A 358 14.46 18.25 9.36
N PRO A 359 14.76 18.52 10.63
CA PRO A 359 13.67 18.72 11.61
C PRO A 359 12.80 19.90 11.24
N GLY A 360 11.50 19.75 11.48
CA GLY A 360 10.54 20.77 11.12
C GLY A 360 9.84 20.52 9.80
N CYS A 361 10.22 19.48 9.07
CA CYS A 361 9.59 19.16 7.80
C CYS A 361 9.76 17.67 7.55
N LEU A 362 8.70 17.02 7.13
CA LEU A 362 8.65 15.59 6.90
C LEU A 362 8.67 15.29 5.42
N PRO A 363 9.59 14.47 4.93
CA PRO A 363 9.67 14.19 3.49
C PRO A 363 8.80 13.03 3.05
N ILE A 364 8.09 13.20 1.93
CA ILE A 364 7.24 12.16 1.37
C ILE A 364 7.57 12.05 -0.12
N ASP A 365 7.79 10.82 -0.59
CA ASP A 365 7.87 10.54 -2.01
C ASP A 365 6.50 10.22 -2.55
N VAL A 366 6.09 10.93 -3.61
CA VAL A 366 4.83 10.63 -4.27
C VAL A 366 4.87 9.25 -4.91
N ARG A 367 6.05 8.86 -5.43
CA ARG A 367 6.18 7.56 -6.08
C ARG A 367 5.98 6.42 -5.09
N ASN A 368 6.50 6.57 -3.87
CA ASN A 368 6.33 5.54 -2.85
C ASN A 368 4.86 5.33 -2.50
N MET A 369 4.12 6.43 -2.33
CA MET A 369 2.69 6.30 -2.04
C MET A 369 1.92 5.75 -3.22
N CYS A 370 2.32 6.15 -4.44
CA CYS A 370 1.62 5.66 -5.62
C CYS A 370 1.83 4.16 -5.80
N MET A 371 3.03 3.66 -5.51
CA MET A 371 3.24 2.22 -5.58
C MET A 371 2.68 1.48 -4.38
N GLN A 372 2.58 2.13 -3.22
CA GLN A 372 1.93 1.48 -2.08
C GLN A 372 0.44 1.31 -2.34
N LEU A 373 -0.19 2.30 -2.97
CA LEU A 373 -1.62 2.18 -3.26
C LEU A 373 -1.88 1.21 -4.40
N TYR A 374 -0.90 1.02 -5.28
CA TYR A 374 -1.02 0.10 -6.42
C TYR A 374 0.20 -0.80 -6.45
N PRO A 375 0.24 -1.84 -5.60
CA PRO A 375 1.44 -2.69 -5.54
C PRO A 375 1.67 -3.51 -6.79
N LYS A 376 0.64 -3.72 -7.61
CA LYS A 376 0.76 -4.52 -8.83
C LYS A 376 0.90 -3.65 -10.07
N ALA A 377 1.19 -2.37 -9.90
CA ALA A 377 1.38 -1.48 -11.05
C ALA A 377 2.62 -1.88 -11.82
N GLU A 378 2.51 -1.87 -13.15
CA GLU A 378 3.60 -2.27 -14.02
C GLU A 378 4.42 -1.07 -14.49
N LYS A 379 3.75 0.01 -14.87
CA LYS A 379 4.40 1.25 -15.26
C LYS A 379 4.33 2.24 -14.10
N THR A 380 5.49 2.66 -13.60
CA THR A 380 5.58 3.51 -12.42
C THR A 380 6.04 4.92 -12.73
N SER A 381 5.97 5.34 -14.00
CA SER A 381 6.33 6.70 -14.35
C SER A 381 5.24 7.67 -13.93
N LEU A 382 5.58 8.96 -13.95
CA LEU A 382 4.61 10.00 -13.61
C LEU A 382 3.47 10.04 -14.62
N LYS A 383 3.79 9.88 -15.91
CA LYS A 383 2.76 9.90 -16.93
C LYS A 383 1.80 8.73 -16.76
N ALA A 384 2.32 7.56 -16.38
CA ALA A 384 1.47 6.39 -16.21
C ALA A 384 0.48 6.60 -15.07
N PHE A 385 0.97 7.10 -13.93
CA PHE A 385 0.08 7.33 -12.79
C PHE A 385 -0.93 8.43 -13.11
N LEU A 386 -0.50 9.45 -13.85
CA LEU A 386 -1.41 10.54 -14.21
C LEU A 386 -2.51 10.05 -15.15
N GLU A 387 -2.18 9.14 -16.06
CA GLU A 387 -3.20 8.59 -16.95
C GLU A 387 -4.12 7.61 -16.22
N ASN A 388 -3.58 6.84 -15.28
CA ASN A 388 -4.41 5.92 -14.52
C ASN A 388 -5.38 6.67 -13.61
N CYS A 389 -4.93 7.77 -13.01
CA CYS A 389 -5.78 8.51 -12.08
C CYS A 389 -6.65 9.56 -12.76
N GLY A 390 -6.57 9.68 -14.09
CA GLY A 390 -7.42 10.62 -14.81
C GLY A 390 -7.13 12.07 -14.54
N LEU A 391 -5.87 12.47 -14.51
CA LEU A 391 -5.48 13.86 -14.33
C LEU A 391 -4.81 14.39 -15.58
N ASP A 392 -4.57 15.70 -15.59
CA ASP A 392 -3.88 16.34 -16.70
C ASP A 392 -2.42 15.90 -16.73
N SER A 393 -1.94 15.55 -17.92
CA SER A 393 -0.60 15.03 -18.07
C SER A 393 0.43 16.15 -18.12
N LYS A 394 1.70 15.78 -18.13
CA LYS A 394 2.78 16.75 -18.22
C LYS A 394 2.82 17.38 -19.60
N VAL A 395 3.45 18.53 -19.70
CA VAL A 395 3.60 19.20 -20.98
C VAL A 395 4.67 18.47 -21.79
N ASP A 396 4.47 18.40 -23.11
CA ASP A 396 5.34 17.63 -23.99
C ASP A 396 6.64 18.40 -24.20
N LEU A 397 7.62 18.10 -23.35
CA LEU A 397 8.95 18.69 -23.44
C LEU A 397 10.00 17.59 -23.38
N PRO A 398 10.65 17.27 -24.50
CA PRO A 398 11.70 16.25 -24.46
C PRO A 398 12.92 16.72 -23.70
N TYR A 399 13.69 15.76 -23.18
CA TYR A 399 14.84 16.09 -22.36
C TYR A 399 15.99 16.63 -23.19
N HIS A 400 16.20 16.08 -24.39
CA HIS A 400 17.27 16.56 -25.24
C HIS A 400 17.01 17.98 -25.71
N LEU A 401 15.74 18.32 -25.95
CA LEU A 401 15.39 19.70 -26.30
C LEU A 401 15.70 20.64 -25.14
N MET A 402 15.43 20.19 -23.91
CA MET A 402 15.76 20.98 -22.73
C MET A 402 17.25 21.22 -22.62
N TRP A 403 18.04 20.18 -22.82
CA TRP A 403 19.49 20.33 -22.76
C TRP A 403 20.00 21.28 -23.86
N LYS A 404 19.46 21.14 -25.07
CA LYS A 404 19.86 22.03 -26.16
C LYS A 404 19.51 23.48 -25.86
N TYR A 405 18.32 23.72 -25.30
CA TYR A 405 17.90 25.09 -25.07
C TYR A 405 18.65 25.69 -23.89
N TYR A 406 19.05 24.87 -22.93
CA TYR A 406 19.97 25.33 -21.90
C TYR A 406 21.32 25.69 -22.50
N GLU A 407 21.82 24.87 -23.42
CA GLU A 407 23.14 25.12 -24.01
C GLU A 407 23.14 26.38 -24.86
N THR A 408 22.02 26.67 -25.54
CA THR A 408 21.98 27.84 -26.41
C THR A 408 21.92 29.14 -25.63
N ARG A 409 21.62 29.09 -24.33
CA ARG A 409 21.50 30.28 -23.47
C ARG A 409 20.48 31.28 -24.03
N ASP A 410 19.36 30.75 -24.51
CA ASP A 410 18.27 31.58 -25.02
C ASP A 410 17.34 31.91 -23.87
N SER A 411 17.39 33.17 -23.40
CA SER A 411 16.68 33.54 -22.18
C SER A 411 15.17 33.48 -22.37
N GLU A 412 14.69 33.52 -23.62
CA GLU A 412 13.26 33.62 -23.87
C GLU A 412 12.54 32.33 -23.53
N LYS A 413 13.13 31.18 -23.85
CA LYS A 413 12.33 29.96 -23.87
C LYS A 413 12.68 29.03 -22.71
N ILE A 414 13.68 29.39 -21.89
CA ILE A 414 13.87 28.69 -20.62
C ILE A 414 12.68 28.90 -19.70
N ALA A 415 11.84 29.89 -19.99
CA ALA A 415 10.56 30.02 -19.31
C ALA A 415 9.69 28.79 -19.53
N ASP A 416 9.80 28.17 -20.71
CA ASP A 416 9.07 26.92 -20.95
C ASP A 416 9.62 25.79 -20.10
N VAL A 417 10.93 25.74 -19.91
CA VAL A 417 11.53 24.73 -19.03
C VAL A 417 11.06 24.94 -17.60
N ALA A 418 11.02 26.20 -17.16
CA ALA A 418 10.52 26.50 -15.82
C ALA A 418 9.06 26.13 -15.68
N TYR A 419 8.26 26.38 -16.71
CA TYR A 419 6.85 26.02 -16.68
C TYR A 419 6.68 24.51 -16.59
N TYR A 420 7.49 23.76 -17.33
CA TYR A 420 7.43 22.31 -17.25
C TYR A 420 7.78 21.81 -15.85
N CYS A 421 8.82 22.40 -15.25
CA CYS A 421 9.23 21.96 -13.92
C CYS A 421 8.18 22.31 -12.87
N ILE A 422 7.56 23.48 -12.99
CA ILE A 422 6.52 23.88 -12.05
C ILE A 422 5.28 23.02 -12.21
N ILE A 423 4.93 22.64 -13.44
CA ILE A 423 3.80 21.74 -13.64
C ILE A 423 4.10 20.36 -13.09
N ASP A 424 5.36 19.92 -13.20
CA ASP A 424 5.76 18.66 -12.58
C ASP A 424 5.64 18.73 -11.07
N ALA A 425 5.95 19.90 -10.49
CA ALA A 425 5.73 20.07 -9.06
C ALA A 425 4.24 20.03 -8.72
N GLN A 426 3.40 20.66 -9.56
CA GLN A 426 1.97 20.70 -9.33
C GLN A 426 1.36 19.30 -9.33
N ARG A 427 1.80 18.46 -10.27
CA ARG A 427 1.19 17.15 -10.44
C ARG A 427 1.42 16.25 -9.23
N CYS A 428 2.49 16.47 -8.48
CA CYS A 428 2.75 15.66 -7.29
C CYS A 428 1.65 15.84 -6.25
N GLN A 429 1.33 17.09 -5.92
CA GLN A 429 0.26 17.31 -4.95
C GLN A 429 -1.11 17.07 -5.58
N ASP A 430 -1.23 17.18 -6.90
CA ASP A 430 -2.47 16.73 -7.53
C ASP A 430 -2.71 15.26 -7.26
N LEU A 431 -1.67 14.43 -7.41
CA LEU A 431 -1.77 13.02 -7.08
C LEU A 431 -2.05 12.80 -5.60
N LEU A 432 -1.39 13.58 -4.74
CA LEU A 432 -1.58 13.42 -3.29
C LEU A 432 -3.01 13.73 -2.88
N VAL A 433 -3.60 14.79 -3.43
CA VAL A 433 -4.97 15.15 -3.10
C VAL A 433 -5.95 14.15 -3.71
N ARG A 434 -5.72 13.74 -4.96
CA ARG A 434 -6.65 12.81 -5.61
C ARG A 434 -6.66 11.46 -4.94
N HIS A 435 -5.51 10.98 -4.47
CA HIS A 435 -5.46 9.70 -3.81
C HIS A 435 -5.70 9.78 -2.30
N ASN A 436 -5.75 10.99 -1.74
CA ASN A 436 -6.06 11.23 -0.32
C ASN A 436 -5.12 10.45 0.59
N VAL A 437 -3.82 10.55 0.30
CA VAL A 437 -2.84 9.77 1.04
C VAL A 437 -2.69 10.27 2.47
N ILE A 438 -2.52 11.57 2.64
CA ILE A 438 -2.18 12.13 3.96
C ILE A 438 -3.30 11.95 4.99
N PRO A 439 -4.58 12.20 4.69
CA PRO A 439 -5.62 11.87 5.68
C PRO A 439 -5.69 10.38 6.03
N ASP A 440 -5.46 9.50 5.05
CA ASP A 440 -5.44 8.07 5.35
C ASP A 440 -4.31 7.71 6.30
N ARG A 441 -3.13 8.27 6.06
CA ARG A 441 -2.00 8.02 6.97
C ARG A 441 -2.27 8.61 8.35
N ARG A 442 -2.94 9.77 8.39
CA ARG A 442 -3.30 10.37 9.68
C ARG A 442 -4.24 9.46 10.46
N GLU A 443 -5.25 8.89 9.80
CA GLU A 443 -6.18 8.03 10.52
C GLU A 443 -5.53 6.72 10.93
N VAL A 444 -4.61 6.20 10.11
CA VAL A 444 -3.82 5.05 10.51
C VAL A 444 -3.01 5.37 11.75
N GLY A 445 -2.43 6.56 11.82
CA GLY A 445 -1.70 6.97 13.01
C GLY A 445 -2.57 7.14 14.23
N ILE A 446 -3.78 7.66 14.05
CA ILE A 446 -4.71 7.80 15.17
C ILE A 446 -5.07 6.42 15.73
N LEU A 447 -5.35 5.46 14.84
CA LEU A 447 -5.70 4.13 15.31
C LEU A 447 -4.49 3.39 15.89
N SER A 448 -3.29 3.74 15.44
CA SER A 448 -2.09 2.99 15.78
C SER A 448 -1.22 3.64 16.83
N TYR A 449 -1.52 4.88 17.24
CA TYR A 449 -0.73 5.63 18.21
C TYR A 449 0.72 5.77 17.77
N THR A 450 0.91 6.06 16.48
CA THR A 450 2.24 6.28 15.92
C THR A 450 2.32 7.68 15.33
N SER A 451 3.54 8.05 14.94
CA SER A 451 3.74 9.31 14.24
C SER A 451 3.46 9.12 12.75
N LEU A 452 3.42 10.25 12.03
CA LEU A 452 3.19 10.19 10.59
C LEU A 452 4.38 9.57 9.86
N TYR A 453 5.59 9.78 10.38
CA TYR A 453 6.78 9.20 9.77
C TYR A 453 6.72 7.68 9.75
N ASP A 454 6.22 7.09 10.84
CA ASP A 454 6.08 5.64 10.89
C ASP A 454 4.98 5.16 9.95
N CYS A 455 3.92 5.96 9.79
CA CYS A 455 2.86 5.60 8.86
C CYS A 455 3.27 5.82 7.41
N ILE A 456 4.37 6.50 7.16
CA ILE A 456 4.85 6.76 5.81
C ILE A 456 5.95 5.77 5.41
N TYR A 457 6.95 5.57 6.25
CA TYR A 457 8.13 4.81 5.85
C TYR A 457 8.23 3.43 6.47
N TYR A 458 7.33 3.05 7.38
CA TYR A 458 7.43 1.78 8.06
C TYR A 458 6.25 0.90 7.68
N ALA A 459 6.39 -0.41 7.93
CA ALA A 459 5.37 -1.37 7.58
C ALA A 459 4.22 -1.33 8.59
N GLY A 460 3.11 -1.96 8.21
CA GLY A 460 1.92 -1.97 9.04
C GLY A 460 1.92 -2.97 10.17
N GLY A 461 2.82 -3.95 10.15
CA GLY A 461 2.84 -4.94 11.21
C GLY A 461 3.24 -4.36 12.55
N HIS A 462 4.26 -3.50 12.56
CA HIS A 462 4.62 -2.82 13.79
C HIS A 462 3.51 -1.90 14.28
N LYS A 463 2.74 -1.33 13.35
CA LYS A 463 1.60 -0.51 13.73
C LYS A 463 0.51 -1.33 14.41
N VAL A 464 0.24 -2.54 13.88
CA VAL A 464 -0.74 -3.41 14.51
C VAL A 464 -0.26 -3.84 15.89
N CYS A 465 1.03 -4.15 16.01
CA CYS A 465 1.58 -4.52 17.32
C CYS A 465 1.47 -3.37 18.31
N ASN A 466 1.74 -2.15 17.85
CA ASN A 466 1.64 -0.98 18.72
C ASN A 466 0.20 -0.74 19.16
N MET A 467 -0.76 -0.90 18.25
CA MET A 467 -2.16 -0.75 18.63
C MET A 467 -2.59 -1.80 19.63
N LEU A 468 -2.14 -3.04 19.45
CA LEU A 468 -2.47 -4.10 20.39
C LEU A 468 -1.90 -3.81 21.77
N ILE A 469 -0.65 -3.33 21.82
CA ILE A 469 -0.04 -2.98 23.12
C ILE A 469 -0.80 -1.83 23.75
N ALA A 470 -1.21 -0.85 22.95
CA ALA A 470 -1.93 0.31 23.48
C ALA A 470 -3.27 -0.11 24.08
N TYR A 471 -3.96 -1.05 23.43
CA TYR A 471 -5.20 -1.56 24.00
C TYR A 471 -4.95 -2.40 25.24
N ALA A 472 -3.84 -3.12 25.27
CA ALA A 472 -3.58 -4.01 26.41
C ALA A 472 -3.19 -3.23 27.66
N ILE A 473 -2.35 -2.20 27.51
CA ILE A 473 -1.77 -1.54 28.68
C ILE A 473 -2.84 -0.78 29.46
N HIS A 474 -3.81 -0.19 28.77
CA HIS A 474 -4.82 0.58 29.49
C HIS A 474 -5.83 -0.35 30.15
N ASP A 475 -6.61 -1.07 29.33
CA ASP A 475 -7.48 -2.18 29.74
C ASP A 475 -8.57 -1.70 30.70
N GLU A 476 -9.56 -2.55 30.98
CA GLU A 476 -10.55 -2.24 31.99
C GLU A 476 -10.44 -3.16 33.21
N TYR A 477 -9.65 -4.23 33.13
CA TYR A 477 -9.60 -5.23 34.18
C TYR A 477 -8.18 -5.43 34.73
N GLY A 478 -7.35 -4.39 34.72
CA GLY A 478 -6.13 -4.49 35.50
C GLY A 478 -4.76 -4.43 34.83
N ARG A 479 -4.61 -3.63 33.77
CA ARG A 479 -3.29 -3.26 33.22
C ARG A 479 -2.49 -4.51 32.77
N ILE A 480 -2.98 -5.09 31.67
CA ILE A 480 -2.21 -6.13 31.01
C ILE A 480 -0.88 -5.57 30.52
N ALA A 481 0.21 -6.21 30.93
CA ALA A 481 1.55 -5.79 30.58
C ALA A 481 2.11 -6.69 29.49
N CYS A 482 2.85 -6.10 28.56
CA CYS A 482 3.42 -6.86 27.46
C CYS A 482 4.68 -6.17 26.97
N SER A 483 5.51 -6.94 26.26
CA SER A 483 6.82 -6.49 25.80
C SER A 483 6.77 -6.20 24.31
N THR A 484 7.91 -5.75 23.78
CA THR A 484 8.04 -5.38 22.37
C THR A 484 9.15 -6.12 21.66
N ILE A 485 10.28 -6.34 22.33
CA ILE A 485 11.39 -7.05 21.71
C ILE A 485 11.09 -8.55 21.69
N ALA A 486 11.60 -9.24 20.67
CA ALA A 486 11.32 -10.65 20.50
C ALA A 486 12.26 -11.49 21.35
N ARG A 487 11.76 -12.67 21.74
CA ARG A 487 12.52 -13.59 22.58
C ARG A 487 12.26 -15.02 22.11
N GLY A 488 13.19 -15.91 22.47
CA GLY A 488 13.12 -17.30 22.07
C GLY A 488 13.71 -17.51 20.68
N LYS A 489 13.85 -18.78 20.34
CA LYS A 489 14.40 -19.14 19.03
C LYS A 489 13.36 -18.90 17.94
N ARG A 490 13.79 -18.21 16.88
CA ARG A 490 12.92 -17.93 15.74
C ARG A 490 12.91 -19.16 14.86
N GLU A 491 12.01 -20.10 15.17
CA GLU A 491 11.92 -21.34 14.41
C GLU A 491 11.33 -21.05 13.03
N HIS A 492 11.95 -21.65 12.02
CA HIS A 492 11.53 -21.49 10.63
C HIS A 492 11.00 -22.81 10.10
N GLY A 493 9.89 -22.75 9.37
CA GLY A 493 9.27 -23.95 8.85
C GLY A 493 8.05 -23.61 8.03
N LYS A 494 7.35 -24.65 7.61
CA LYS A 494 6.16 -24.53 6.79
C LYS A 494 4.98 -25.13 7.52
N TYR A 495 3.88 -24.38 7.60
CA TYR A 495 2.66 -24.86 8.21
C TYR A 495 2.03 -25.94 7.34
N PRO A 496 1.18 -26.79 7.92
CA PRO A 496 0.49 -27.80 7.10
C PRO A 496 -0.38 -27.16 6.03
N GLY A 497 -0.44 -27.82 4.88
CA GLY A 497 -1.08 -27.22 3.72
C GLY A 497 -2.58 -27.11 3.87
N ALA A 498 -3.16 -26.22 3.07
CA ALA A 498 -4.59 -26.00 3.10
C ALA A 498 -5.33 -27.20 2.52
N PHE A 499 -6.62 -27.29 2.84
CA PHE A 499 -7.46 -28.36 2.33
C PHE A 499 -7.66 -28.16 0.84
N VAL A 500 -6.94 -28.94 0.03
CA VAL A 500 -6.98 -28.80 -1.41
C VAL A 500 -8.25 -29.47 -1.93
N ILE A 501 -9.00 -28.74 -2.75
CA ILE A 501 -10.17 -29.27 -3.43
C ILE A 501 -9.89 -29.16 -4.93
N ASP A 502 -9.97 -30.29 -5.62
CA ASP A 502 -9.63 -30.32 -7.03
C ASP A 502 -10.71 -29.59 -7.83
N PRO A 503 -10.38 -28.53 -8.55
CA PRO A 503 -11.40 -27.82 -9.33
C PRO A 503 -11.87 -28.66 -10.51
N VAL A 504 -13.18 -28.59 -10.77
CA VAL A 504 -13.76 -29.24 -11.95
C VAL A 504 -13.61 -28.23 -13.08
N LYS A 505 -12.48 -28.31 -13.77
CA LYS A 505 -12.14 -27.34 -14.80
C LYS A 505 -13.07 -27.47 -15.99
N GLY A 506 -13.35 -26.35 -16.64
CA GLY A 506 -14.12 -26.35 -17.87
C GLY A 506 -15.18 -25.26 -17.89
N LEU A 507 -15.85 -25.15 -19.02
CA LEU A 507 -16.91 -24.16 -19.24
C LEU A 507 -18.19 -24.70 -18.65
N GLU A 508 -18.48 -24.36 -17.40
CA GLU A 508 -19.72 -24.80 -16.79
C GLU A 508 -20.82 -23.80 -17.16
N GLN A 509 -21.75 -24.26 -17.99
CA GLN A 509 -22.85 -23.44 -18.46
C GLN A 509 -24.15 -24.23 -18.46
N ASP A 510 -24.23 -25.27 -17.65
CA ASP A 510 -25.47 -26.02 -17.47
C ASP A 510 -26.13 -25.72 -16.13
N LYS A 511 -25.36 -25.50 -15.07
CA LYS A 511 -25.91 -25.12 -13.79
C LYS A 511 -25.11 -23.97 -13.20
N PRO A 512 -25.79 -23.04 -12.52
CA PRO A 512 -25.08 -21.91 -11.92
C PRO A 512 -24.25 -22.32 -10.72
N THR A 513 -23.21 -21.53 -10.46
CA THR A 513 -22.38 -21.69 -9.27
C THR A 513 -22.34 -20.36 -8.54
N THR A 514 -22.12 -20.41 -7.23
CA THR A 514 -22.12 -19.20 -6.43
C THR A 514 -21.14 -19.35 -5.26
N GLY A 515 -20.38 -18.29 -4.99
CA GLY A 515 -19.35 -18.34 -3.97
C GLY A 515 -19.86 -17.97 -2.61
N LEU A 516 -19.82 -18.93 -1.69
CA LEU A 516 -20.06 -18.70 -0.27
C LEU A 516 -18.72 -18.35 0.36
N ASP A 517 -18.64 -17.17 0.98
CA ASP A 517 -17.38 -16.65 1.48
C ASP A 517 -17.45 -16.46 2.98
N PHE A 518 -16.40 -16.89 3.68
CA PHE A 518 -16.29 -16.61 5.10
C PHE A 518 -15.91 -15.15 5.29
N ALA A 519 -16.77 -14.40 5.98
CA ALA A 519 -16.54 -12.96 6.19
C ALA A 519 -15.45 -12.78 7.23
N SER A 520 -14.25 -12.42 6.78
CA SER A 520 -13.07 -12.17 7.63
C SER A 520 -12.76 -13.40 8.49
N LEU A 521 -12.33 -14.44 7.79
CA LEU A 521 -12.26 -15.79 8.37
C LEU A 521 -11.33 -15.84 9.57
N TYR A 522 -10.08 -15.41 9.40
CA TYR A 522 -9.12 -15.50 10.51
C TYR A 522 -9.49 -14.60 11.69
N PRO A 523 -9.89 -13.33 11.52
CA PRO A 523 -10.40 -12.59 12.69
C PRO A 523 -11.63 -13.23 13.32
N SER A 524 -12.48 -13.87 12.52
CA SER A 524 -13.66 -14.53 13.08
C SER A 524 -13.28 -15.72 13.94
N LEU A 525 -12.30 -16.51 13.50
CA LEU A 525 -11.83 -17.62 14.33
C LEU A 525 -11.10 -17.14 15.57
N ILE A 526 -10.39 -16.01 15.47
CA ILE A 526 -9.79 -15.42 16.66
C ILE A 526 -10.88 -14.99 17.64
N MET A 527 -11.96 -14.41 17.12
CA MET A 527 -13.07 -13.98 17.95
C MET A 527 -13.75 -15.16 18.63
N ALA A 528 -13.94 -16.26 17.90
CA ALA A 528 -14.85 -17.30 18.36
C ALA A 528 -14.19 -18.25 19.35
N TYR A 529 -13.03 -18.78 18.99
CA TYR A 529 -12.37 -19.80 19.79
C TYR A 529 -11.48 -19.22 20.89
N ASN A 530 -11.51 -17.89 21.05
CA ASN A 530 -10.76 -17.18 22.10
C ASN A 530 -9.26 -17.42 21.97
N PHE A 531 -8.71 -17.05 20.82
CA PHE A 531 -7.28 -17.16 20.56
C PHE A 531 -6.59 -15.91 21.09
N SER A 532 -6.04 -16.02 22.30
CA SER A 532 -5.27 -14.94 22.90
C SER A 532 -4.13 -15.55 23.71
N PRO A 533 -3.00 -14.86 23.80
CA PRO A 533 -1.86 -15.42 24.54
C PRO A 533 -2.12 -15.61 26.02
N GLU A 534 -2.98 -14.78 26.62
CA GLU A 534 -3.22 -14.88 28.06
C GLU A 534 -4.27 -15.93 28.40
N LYS A 535 -4.81 -16.63 27.41
CA LYS A 535 -5.72 -17.75 27.64
C LYS A 535 -5.15 -19.05 27.10
N PHE A 536 -3.83 -19.15 27.00
CA PHE A 536 -3.16 -20.32 26.44
C PHE A 536 -2.63 -21.19 27.55
N VAL A 537 -2.88 -22.49 27.45
CA VAL A 537 -2.40 -23.48 28.41
C VAL A 537 -1.58 -24.51 27.65
N ALA A 538 -0.36 -24.75 28.11
CA ALA A 538 0.56 -25.65 27.44
C ALA A 538 0.64 -27.03 28.09
N SER A 539 0.65 -27.10 29.41
CA SER A 539 0.77 -28.39 30.09
C SER A 539 -0.53 -29.17 29.99
N ARG A 540 -0.42 -30.48 29.76
CA ARG A 540 -1.61 -31.31 29.66
C ARG A 540 -2.27 -31.49 31.03
N ASP A 541 -1.46 -31.61 32.08
CA ASP A 541 -2.00 -31.78 33.43
C ASP A 541 -2.78 -30.54 33.86
N GLU A 542 -2.25 -29.35 33.56
CA GLU A 542 -2.97 -28.13 33.90
C GLU A 542 -4.27 -28.01 33.12
N ALA A 543 -4.26 -28.40 31.84
CA ALA A 543 -5.48 -28.38 31.05
C ALA A 543 -6.52 -29.35 31.59
N ASN A 544 -6.07 -30.53 32.02
CA ASN A 544 -6.99 -31.50 32.61
C ASN A 544 -7.56 -30.97 33.93
N SER A 545 -6.72 -30.31 34.72
CA SER A 545 -7.20 -29.74 35.98
C SER A 545 -8.22 -28.64 35.73
N LEU A 546 -8.01 -27.81 34.71
CA LEU A 546 -8.98 -26.78 34.37
C LEU A 546 -10.27 -27.40 33.83
N MET A 547 -10.17 -28.48 33.06
CA MET A 547 -11.35 -29.17 32.58
C MET A 547 -12.13 -29.78 33.74
N ALA A 548 -11.44 -30.18 34.80
CA ALA A 548 -12.12 -30.71 35.97
C ALA A 548 -12.99 -29.65 36.64
N LYS A 549 -12.50 -28.42 36.74
CA LYS A 549 -13.23 -27.37 37.44
C LYS A 549 -14.10 -26.54 36.50
N GLY A 550 -14.88 -27.23 35.67
CA GLY A 550 -15.92 -26.60 34.86
C GLY A 550 -15.47 -25.49 33.93
N GLU A 551 -14.38 -25.68 33.21
CA GLU A 551 -13.87 -24.69 32.27
C GLU A 551 -13.86 -25.30 30.87
N SER A 552 -14.30 -24.50 29.90
CA SER A 552 -14.35 -24.93 28.51
C SER A 552 -13.03 -24.64 27.82
N LEU A 553 -12.44 -25.65 27.20
CA LEU A 553 -11.16 -25.50 26.52
C LEU A 553 -11.28 -25.95 25.07
N HIS A 554 -10.45 -25.35 24.24
CA HIS A 554 -10.33 -25.72 22.83
C HIS A 554 -8.94 -26.31 22.60
N TYR A 555 -8.90 -27.50 21.99
CA TYR A 555 -7.67 -28.23 21.77
C TYR A 555 -7.16 -27.97 20.36
N VAL A 556 -5.86 -27.66 20.25
CA VAL A 556 -5.22 -27.44 18.96
C VAL A 556 -4.02 -28.37 18.87
N SER A 557 -3.84 -28.98 17.70
CA SER A 557 -2.73 -29.90 17.47
C SER A 557 -2.36 -29.84 16.00
N PHE A 558 -1.08 -29.64 15.73
CA PHE A 558 -0.65 -29.54 14.34
C PHE A 558 0.79 -30.01 14.22
N HIS A 559 1.14 -30.47 13.02
CA HIS A 559 2.48 -30.95 12.75
C HIS A 559 3.33 -29.83 12.18
N PHE A 560 4.41 -29.49 12.87
CA PHE A 560 5.33 -28.45 12.45
C PHE A 560 6.75 -28.96 12.61
N ASN A 561 7.54 -28.84 11.54
CA ASN A 561 8.94 -29.27 11.52
C ASN A 561 9.09 -30.73 11.97
N ASN A 562 8.16 -31.57 11.51
CA ASN A 562 8.10 -32.99 11.86
C ASN A 562 8.01 -33.22 13.36
N ARG A 563 7.30 -32.35 14.07
CA ARG A 563 6.98 -32.59 15.47
C ARG A 563 5.56 -32.13 15.75
N LEU A 564 4.92 -32.75 16.74
CA LEU A 564 3.53 -32.47 17.07
C LEU A 564 3.48 -31.36 18.11
N VAL A 565 2.92 -30.22 17.73
CA VAL A 565 2.73 -29.10 18.64
C VAL A 565 1.26 -29.08 19.07
N GLU A 566 1.03 -29.12 20.37
CA GLU A 566 -0.32 -29.18 20.92
C GLU A 566 -0.50 -28.05 21.92
N GLY A 567 -1.75 -27.67 22.13
CA GLY A 567 -2.06 -26.60 23.06
C GLY A 567 -3.54 -26.55 23.37
N TRP A 568 -3.86 -25.77 24.39
CA TRP A 568 -5.23 -25.58 24.82
C TRP A 568 -5.49 -24.09 24.98
N PHE A 569 -6.72 -23.67 24.67
CA PHE A 569 -7.11 -22.27 24.77
C PHE A 569 -8.38 -22.17 25.60
N VAL A 570 -8.42 -21.22 26.53
CA VAL A 570 -9.56 -21.04 27.41
C VAL A 570 -10.64 -20.26 26.66
N ARG A 571 -11.83 -20.83 26.56
CA ARG A 571 -12.92 -20.17 25.86
C ARG A 571 -13.57 -19.13 26.75
N HIS A 572 -14.17 -18.11 26.12
CA HIS A 572 -14.79 -17.03 26.87
C HIS A 572 -16.24 -17.31 27.24
N ASN A 573 -16.89 -18.26 26.56
CA ASN A 573 -18.25 -18.70 26.88
C ASN A 573 -19.25 -17.55 26.84
N ASN A 574 -19.07 -16.65 25.87
CA ASN A 574 -19.96 -15.52 25.62
C ASN A 574 -20.10 -14.62 26.85
N VAL A 575 -19.02 -14.44 27.58
CA VAL A 575 -18.96 -13.56 28.73
C VAL A 575 -17.84 -12.57 28.50
N PRO A 576 -18.11 -11.26 28.51
CA PRO A 576 -17.04 -10.27 28.26
C PRO A 576 -15.96 -10.25 29.32
N ASP A 577 -16.24 -10.74 30.51
CA ASP A 577 -15.22 -10.74 31.57
C ASP A 577 -14.09 -11.71 31.24
N LYS A 578 -14.41 -12.86 30.67
CA LYS A 578 -13.43 -13.88 30.33
C LYS A 578 -12.85 -13.70 28.93
N MET A 579 -13.19 -12.61 28.25
CA MET A 579 -12.74 -12.41 26.89
C MET A 579 -11.26 -12.04 26.86
N GLY A 580 -10.55 -12.54 25.85
CA GLY A 580 -9.13 -12.30 25.72
C GLY A 580 -8.80 -10.94 25.14
N LEU A 581 -7.50 -10.72 24.94
CA LEU A 581 -7.04 -9.44 24.41
C LEU A 581 -7.37 -9.30 22.93
N TYR A 582 -6.96 -10.28 22.11
CA TYR A 582 -7.31 -10.26 20.69
C TYR A 582 -8.81 -10.22 20.42
N PRO A 583 -9.67 -11.04 21.05
CA PRO A 583 -11.11 -10.91 20.78
C PRO A 583 -11.66 -9.55 21.17
N LYS A 584 -11.18 -8.97 22.26
CA LYS A 584 -11.66 -7.64 22.67
C LYS A 584 -11.27 -6.58 21.65
N VAL A 585 -10.02 -6.61 21.19
CA VAL A 585 -9.56 -5.63 20.20
C VAL A 585 -10.33 -5.79 18.90
N LEU A 586 -10.51 -7.03 18.44
CA LEU A 586 -11.21 -7.26 17.18
C LEU A 586 -12.69 -6.87 17.28
N ILE A 587 -13.32 -7.14 18.43
CA ILE A 587 -14.72 -6.78 18.60
C ILE A 587 -14.89 -5.26 18.62
N ASP A 588 -13.97 -4.55 19.29
CA ASP A 588 -14.04 -3.09 19.29
C ASP A 588 -13.86 -2.54 17.88
N LEU A 589 -12.91 -3.08 17.12
CA LEU A 589 -12.71 -2.61 15.76
C LEU A 589 -13.90 -2.92 14.86
N LEU A 590 -14.52 -4.08 15.04
CA LEU A 590 -15.69 -4.42 14.22
C LEU A 590 -16.89 -3.55 14.56
N ASN A 591 -17.10 -3.25 15.85
CA ASN A 591 -18.18 -2.35 16.22
C ASN A 591 -17.96 -0.96 15.65
N LYS A 592 -16.70 -0.48 15.70
CA LYS A 592 -16.39 0.80 15.08
C LYS A 592 -16.66 0.76 13.59
N ARG A 593 -16.27 -0.33 12.92
CA ARG A 593 -16.49 -0.42 11.48
C ARG A 593 -17.96 -0.42 11.13
N THR A 594 -18.78 -1.11 11.92
CA THR A 594 -20.23 -1.11 11.68
C THR A 594 -20.82 0.28 11.87
N ALA A 595 -20.42 0.97 12.94
CA ALA A 595 -20.93 2.32 13.18
C ALA A 595 -20.55 3.27 12.05
N LEU A 596 -19.31 3.19 11.57
CA LEU A 596 -18.90 4.07 10.49
C LEU A 596 -19.48 3.67 9.14
N LYS A 597 -19.80 2.38 8.95
CA LYS A 597 -20.54 2.00 7.75
C LYS A 597 -21.93 2.64 7.75
N GLN A 598 -22.62 2.60 8.89
CA GLN A 598 -23.92 3.26 9.00
C GLN A 598 -23.80 4.77 8.76
N GLU A 599 -22.78 5.39 9.37
CA GLU A 599 -22.59 6.82 9.22
C GLU A 599 -22.27 7.19 7.78
N LEU A 600 -21.45 6.38 7.10
CA LEU A 600 -21.11 6.67 5.71
C LEU A 600 -22.32 6.49 4.80
N LYS A 601 -23.17 5.51 5.09
CA LYS A 601 -24.39 5.36 4.30
C LYS A 601 -25.31 6.56 4.47
N LYS A 602 -25.47 7.05 5.70
CA LYS A 602 -26.30 8.23 5.92
C LYS A 602 -25.70 9.47 5.26
N LEU A 603 -24.37 9.63 5.34
CA LEU A 603 -23.73 10.79 4.73
C LEU A 603 -23.82 10.73 3.21
N GLY A 604 -23.70 9.54 2.63
CA GLY A 604 -23.87 9.41 1.19
C GLY A 604 -25.29 9.70 0.74
N GLU A 605 -26.29 9.27 1.53
CA GLU A 605 -27.67 9.61 1.22
C GLU A 605 -27.90 11.11 1.29
N LYS A 606 -27.33 11.77 2.31
CA LYS A 606 -27.46 13.22 2.42
C LYS A 606 -26.76 13.93 1.26
N LYS A 607 -25.59 13.44 0.86
CA LYS A 607 -24.87 14.06 -0.26
C LYS A 607 -25.63 13.89 -1.56
N GLU A 608 -26.28 12.73 -1.74
CA GLU A 608 -27.15 12.56 -2.90
C GLU A 608 -28.35 13.49 -2.84
N CYS A 609 -28.87 13.74 -1.63
CA CYS A 609 -30.03 14.62 -1.50
C CYS A 609 -29.67 16.08 -1.74
N ILE A 610 -28.54 16.53 -1.19
CA ILE A 610 -28.17 17.95 -1.26
C ILE A 610 -27.45 18.24 -2.57
N HIS A 611 -27.88 19.31 -3.23
CA HIS A 611 -27.26 19.74 -4.48
C HIS A 611 -25.93 20.44 -4.21
N GLU A 612 -25.11 20.53 -5.26
CA GLU A 612 -23.79 21.13 -5.13
C GLU A 612 -23.86 22.66 -5.03
N SER A 613 -24.98 23.25 -5.45
CA SER A 613 -25.09 24.71 -5.44
C SER A 613 -25.23 25.26 -4.03
N HIS A 614 -25.69 24.46 -3.07
CA HIS A 614 -25.85 24.92 -1.71
C HIS A 614 -24.49 25.16 -1.06
N PRO A 615 -24.39 26.17 -0.16
CA PRO A 615 -23.14 26.47 0.54
C PRO A 615 -22.85 25.53 1.73
N GLY A 616 -23.02 24.23 1.49
CA GLY A 616 -22.75 23.24 2.52
C GLY A 616 -22.11 21.99 1.96
N PHE A 617 -21.79 22.01 0.66
CA PHE A 617 -21.24 20.83 0.01
C PHE A 617 -19.80 20.57 0.45
N LYS A 618 -19.05 21.62 0.78
CA LYS A 618 -17.64 21.45 1.14
C LYS A 618 -17.49 20.65 2.43
N GLU A 619 -18.23 21.01 3.47
CA GLU A 619 -18.11 20.29 4.73
C GLU A 619 -18.68 18.88 4.63
N LEU A 620 -19.71 18.67 3.80
CA LEU A 620 -20.24 17.32 3.61
C LEU A 620 -19.22 16.43 2.91
N GLN A 621 -18.56 16.95 1.87
CA GLN A 621 -17.53 16.19 1.19
C GLN A 621 -16.34 15.93 2.11
N PHE A 622 -16.01 16.90 2.97
CA PHE A 622 -14.89 16.76 3.88
C PHE A 622 -15.17 15.69 4.95
N ARG A 623 -16.40 15.67 5.47
CA ARG A 623 -16.80 14.61 6.39
C ARG A 623 -16.80 13.25 5.70
N HIS A 624 -17.25 13.21 4.44
CA HIS A 624 -17.21 11.97 3.67
C HIS A 624 -15.78 11.48 3.50
N ALA A 625 -14.85 12.40 3.27
CA ALA A 625 -13.43 12.03 3.16
C ALA A 625 -12.93 11.44 4.47
N MET A 626 -13.28 12.06 5.60
CA MET A 626 -12.85 11.48 6.88
C MET A 626 -13.43 10.09 7.10
N VAL A 627 -14.71 9.89 6.82
CA VAL A 627 -15.31 8.59 7.14
C VAL A 627 -14.77 7.51 6.21
N ASP A 628 -14.51 7.85 4.94
CA ASP A 628 -13.91 6.88 4.03
C ASP A 628 -12.50 6.51 4.47
N ALA A 629 -11.70 7.52 4.85
CA ALA A 629 -10.34 7.24 5.32
C ALA A 629 -10.37 6.39 6.58
N LYS A 630 -11.28 6.69 7.50
CA LYS A 630 -11.35 5.96 8.76
C LYS A 630 -11.75 4.51 8.53
N GLN A 631 -12.75 4.26 7.67
CA GLN A 631 -13.15 2.88 7.44
C GLN A 631 -12.08 2.11 6.68
N LYS A 632 -11.35 2.77 5.78
CA LYS A 632 -10.23 2.11 5.11
C LYS A 632 -9.13 1.73 6.09
N ALA A 633 -8.82 2.63 7.04
CA ALA A 633 -7.83 2.32 8.06
C ALA A 633 -8.29 1.17 8.96
N LEU A 634 -9.57 1.16 9.33
CA LEU A 634 -10.09 0.07 10.14
C LEU A 634 -9.97 -1.26 9.42
N LYS A 635 -10.25 -1.26 8.11
CA LYS A 635 -10.09 -2.47 7.32
C LYS A 635 -8.63 -2.92 7.27
N ILE A 636 -7.70 -1.99 7.07
CA ILE A 636 -6.31 -2.40 6.87
C ILE A 636 -5.68 -2.87 8.18
N PHE A 637 -6.15 -2.36 9.33
CA PHE A 637 -5.72 -2.99 10.58
C PHE A 637 -6.42 -4.32 10.84
N MET A 638 -7.68 -4.47 10.44
CA MET A 638 -8.37 -5.71 10.76
C MET A 638 -7.89 -6.87 9.92
N ASN A 639 -7.48 -6.61 8.67
CA ASN A 639 -6.99 -7.68 7.80
C ASN A 639 -5.52 -8.01 8.03
N THR A 640 -4.89 -7.46 9.06
CA THR A 640 -3.46 -7.64 9.28
C THR A 640 -3.17 -8.35 10.60
N PHE A 641 -4.19 -8.68 11.38
CA PHE A 641 -3.97 -9.33 12.68
C PHE A 641 -3.31 -10.69 12.52
N TYR A 642 -3.74 -11.47 11.53
CA TYR A 642 -3.16 -12.80 11.36
C TYR A 642 -1.72 -12.71 10.88
N GLY A 643 -1.40 -11.71 10.06
CA GLY A 643 -0.02 -11.54 9.62
C GLY A 643 0.92 -11.20 10.75
N GLU A 644 0.46 -10.36 11.68
CA GLU A 644 1.27 -10.01 12.85
C GLU A 644 1.32 -11.15 13.86
N ALA A 645 0.23 -11.91 14.00
CA ALA A 645 0.24 -13.05 14.92
C ALA A 645 1.15 -14.16 14.41
N GLY A 646 1.20 -14.36 13.10
CA GLY A 646 2.04 -15.41 12.54
C GLY A 646 3.48 -15.03 12.28
N ASN A 647 3.82 -13.75 12.39
CA ASN A 647 5.20 -13.33 12.17
C ASN A 647 6.07 -13.76 13.34
N ASN A 648 7.24 -14.33 13.03
CA ASN A 648 8.12 -14.82 14.08
C ASN A 648 8.76 -13.68 14.86
N LEU A 649 9.01 -12.54 14.19
CA LEU A 649 9.67 -11.42 14.83
C LEU A 649 8.76 -10.65 15.78
N SER A 650 7.46 -10.95 15.78
CA SER A 650 6.54 -10.24 16.66
C SER A 650 6.78 -10.61 18.11
N PRO A 651 6.66 -9.66 19.04
CA PRO A 651 6.74 -10.01 20.46
C PRO A 651 5.63 -10.94 20.91
N PHE A 652 4.44 -10.83 20.33
CA PHE A 652 3.31 -11.67 20.68
C PHE A 652 3.29 -12.99 19.91
N PHE A 653 4.38 -13.35 19.24
CA PHE A 653 4.38 -14.55 18.43
C PHE A 653 4.26 -15.78 19.30
N LEU A 654 3.38 -16.69 18.89
CA LEU A 654 3.18 -17.95 19.59
C LEU A 654 2.82 -18.98 18.54
N LEU A 655 3.69 -19.98 18.37
CA LEU A 655 3.43 -21.05 17.40
C LEU A 655 2.11 -21.78 17.62
N PRO A 656 1.68 -22.13 18.84
CA PRO A 656 0.32 -22.68 18.99
C PRO A 656 -0.77 -21.76 18.51
N LEU A 657 -0.61 -20.43 18.63
CA LEU A 657 -1.66 -19.52 18.19
C LEU A 657 -1.86 -19.57 16.69
N ALA A 658 -0.78 -19.44 15.92
CA ALA A 658 -0.89 -19.48 14.46
C ALA A 658 -1.32 -20.86 13.99
N GLY A 659 -0.74 -21.92 14.56
CA GLY A 659 -1.14 -23.25 14.17
C GLY A 659 -2.60 -23.55 14.49
N GLY A 660 -3.08 -23.05 15.63
CA GLY A 660 -4.47 -23.24 15.98
C GLY A 660 -5.41 -22.46 15.09
N VAL A 661 -5.02 -21.24 14.69
CA VAL A 661 -5.84 -20.48 13.77
C VAL A 661 -5.97 -21.22 12.43
N THR A 662 -4.85 -21.71 11.91
CA THR A 662 -4.91 -22.46 10.65
C THR A 662 -5.70 -23.74 10.80
N SER A 663 -5.52 -24.47 11.90
CA SER A 663 -6.22 -25.74 12.08
C SER A 663 -7.71 -25.53 12.27
N SER A 664 -8.09 -24.46 12.97
CA SER A 664 -9.51 -24.16 13.17
C SER A 664 -10.16 -23.75 11.85
N GLY A 665 -9.45 -22.97 11.03
CA GLY A 665 -9.95 -22.69 9.69
C GLY A 665 -10.12 -23.95 8.86
N GLN A 666 -9.15 -24.85 8.95
CA GLN A 666 -9.25 -26.15 8.29
C GLN A 666 -10.49 -26.91 8.73
N TYR A 667 -10.71 -26.99 10.05
CA TYR A 667 -11.81 -27.76 10.59
C TYR A 667 -13.16 -27.18 10.18
N ASN A 668 -13.28 -25.84 10.23
CA ASN A 668 -14.54 -25.21 9.84
C ASN A 668 -14.81 -25.37 8.35
N LEU A 669 -13.78 -25.26 7.52
CA LEU A 669 -13.97 -25.46 6.09
C LEU A 669 -14.37 -26.90 5.78
N LYS A 670 -13.74 -27.87 6.46
CA LYS A 670 -14.14 -29.27 6.27
C LYS A 670 -15.58 -29.50 6.72
N LEU A 671 -15.99 -28.88 7.82
CA LEU A 671 -17.37 -29.04 8.29
C LEU A 671 -18.37 -28.49 7.29
N VAL A 672 -18.10 -27.30 6.76
CA VAL A 672 -18.99 -26.71 5.76
C VAL A 672 -19.03 -27.56 4.49
N TYR A 673 -17.86 -28.07 4.08
CA TYR A 673 -17.76 -28.91 2.89
C TYR A 673 -18.59 -30.18 3.04
N ASN A 674 -18.44 -30.87 4.18
CA ASN A 674 -19.17 -32.09 4.42
C ASN A 674 -20.67 -31.83 4.54
N PHE A 675 -21.05 -30.73 5.19
CA PHE A 675 -22.47 -30.41 5.33
C PHE A 675 -23.11 -30.12 3.99
N VAL A 676 -22.42 -29.37 3.13
CA VAL A 676 -22.95 -29.05 1.82
C VAL A 676 -23.08 -30.31 0.97
N ILE A 677 -22.06 -31.19 1.01
CA ILE A 677 -22.14 -32.42 0.24
C ILE A 677 -23.28 -33.32 0.73
N ASN A 678 -23.42 -33.44 2.05
CA ASN A 678 -24.50 -34.26 2.60
C ASN A 678 -25.88 -33.66 2.32
N LYS A 679 -25.96 -32.35 2.07
CA LYS A 679 -27.22 -31.75 1.67
C LYS A 679 -27.54 -31.95 0.20
N GLY A 680 -26.61 -32.49 -0.59
CA GLY A 680 -26.86 -32.80 -1.98
C GLY A 680 -26.26 -31.83 -2.97
N TYR A 681 -25.81 -30.66 -2.51
CA TYR A 681 -25.23 -29.67 -3.41
C TYR A 681 -23.86 -30.12 -3.89
N GLY A 682 -23.39 -29.50 -4.97
CA GLY A 682 -22.10 -29.83 -5.52
C GLY A 682 -21.01 -28.86 -5.11
N ILE A 683 -19.77 -29.29 -5.33
CA ILE A 683 -18.58 -28.50 -5.01
C ILE A 683 -17.77 -28.31 -6.28
N LYS A 684 -17.45 -27.07 -6.60
CA LYS A 684 -16.61 -26.78 -7.75
C LYS A 684 -15.22 -26.31 -7.37
N TYR A 685 -15.11 -25.26 -6.56
CA TYR A 685 -13.82 -24.72 -6.19
C TYR A 685 -13.79 -24.41 -4.70
N GLY A 686 -12.62 -24.59 -4.09
CA GLY A 686 -12.44 -24.28 -2.69
C GLY A 686 -11.08 -23.66 -2.43
N ASP A 687 -11.06 -22.49 -1.78
CA ASP A 687 -9.82 -21.74 -1.57
C ASP A 687 -9.89 -21.09 -0.20
N THR A 688 -9.28 -21.75 0.80
CA THR A 688 -9.10 -21.23 2.15
C THR A 688 -10.42 -20.81 2.81
N ASP A 689 -11.00 -19.71 2.35
CA ASP A 689 -12.21 -19.17 2.95
C ASP A 689 -13.39 -19.09 1.99
N SER A 690 -13.25 -19.56 0.75
CA SER A 690 -14.31 -19.48 -0.23
C SER A 690 -14.65 -20.86 -0.75
N LEU A 691 -15.94 -21.14 -0.88
CA LEU A 691 -16.43 -22.38 -1.45
C LEU A 691 -17.48 -22.07 -2.51
N TYR A 692 -17.30 -22.59 -3.71
CA TYR A 692 -18.24 -22.34 -4.80
C TYR A 692 -19.20 -23.52 -4.89
N ILE A 693 -20.48 -23.24 -4.85
CA ILE A 693 -21.52 -24.24 -4.65
C ILE A 693 -22.40 -24.25 -5.88
N THR A 694 -22.75 -25.45 -6.34
CA THR A 694 -23.70 -25.65 -7.43
C THR A 694 -24.93 -26.36 -6.91
N CYS A 695 -26.10 -25.84 -7.28
CA CYS A 695 -27.36 -26.37 -6.79
C CYS A 695 -27.66 -27.73 -7.43
N PRO A 696 -28.48 -28.55 -6.79
CA PRO A 696 -28.82 -29.86 -7.37
C PRO A 696 -29.66 -29.71 -8.62
N ASP A 697 -29.59 -30.73 -9.48
CA ASP A 697 -30.30 -30.71 -10.75
C ASP A 697 -31.81 -30.73 -10.55
N SER A 698 -32.30 -31.54 -9.60
CA SER A 698 -33.72 -31.73 -9.39
C SER A 698 -34.45 -30.42 -9.08
N LEU A 699 -33.78 -29.51 -8.37
CA LEU A 699 -34.39 -28.23 -8.01
C LEU A 699 -34.74 -27.41 -9.23
N TYR A 700 -34.08 -27.66 -10.36
CA TYR A 700 -34.35 -26.93 -11.57
C TYR A 700 -35.38 -27.61 -12.46
N THR A 701 -35.82 -28.82 -12.10
CA THR A 701 -36.47 -29.73 -13.04
C THR A 701 -37.71 -29.09 -13.68
N GLU A 702 -38.63 -28.59 -12.87
CA GLU A 702 -39.85 -27.97 -13.39
C GLU A 702 -39.51 -26.79 -14.29
N VAL A 703 -38.55 -25.97 -13.85
CA VAL A 703 -38.12 -24.83 -14.65
C VAL A 703 -37.56 -25.30 -15.98
N THR A 704 -36.86 -26.43 -15.98
CA THR A 704 -36.36 -26.97 -17.24
C THR A 704 -37.47 -27.55 -18.08
N ASP A 705 -38.51 -28.11 -17.44
CA ASP A 705 -39.53 -28.85 -18.18
C ASP A 705 -40.27 -27.95 -19.16
N ALA A 706 -40.63 -26.74 -18.72
CA ALA A 706 -41.32 -25.80 -19.60
C ALA A 706 -40.47 -25.40 -20.78
N TYR A 707 -39.14 -25.52 -20.66
CA TYR A 707 -38.28 -25.25 -21.80
C TYR A 707 -38.33 -26.37 -22.81
N LEU A 708 -38.45 -27.63 -22.35
CA LEU A 708 -38.46 -28.74 -23.29
C LEU A 708 -39.77 -28.83 -24.05
N ASN A 709 -40.88 -28.37 -23.46
CA ASN A 709 -42.18 -28.45 -24.09
C ASN A 709 -42.56 -27.18 -24.84
N SER A 710 -41.67 -26.20 -24.92
CA SER A 710 -41.97 -24.94 -25.57
C SER A 710 -41.59 -25.01 -27.04
N GLN A 711 -41.60 -23.85 -27.71
CA GLN A 711 -41.20 -23.76 -29.12
C GLN A 711 -39.70 -23.98 -29.30
N LYS A 712 -38.93 -24.04 -28.18
CA LYS A 712 -37.44 -24.26 -28.16
C LYS A 712 -36.69 -23.24 -29.02
N THR A 713 -36.76 -21.98 -28.63
CA THR A 713 -36.11 -20.87 -29.33
C THR A 713 -35.04 -20.25 -28.44
N ILE A 714 -34.50 -19.12 -28.90
CA ILE A 714 -33.45 -18.43 -28.16
C ILE A 714 -34.04 -17.74 -26.94
N LYS A 715 -35.04 -16.87 -27.16
CA LYS A 715 -35.64 -16.10 -26.07
C LYS A 715 -36.18 -17.01 -24.98
N HIS A 716 -36.62 -18.21 -25.36
CA HIS A 716 -36.92 -19.23 -24.37
C HIS A 716 -35.69 -19.58 -23.55
N TYR A 717 -34.50 -19.57 -24.16
CA TYR A 717 -33.30 -19.91 -23.38
C TYR A 717 -32.88 -18.77 -22.46
N GLU A 718 -32.99 -17.51 -22.90
CA GLU A 718 -32.74 -16.46 -21.90
C GLU A 718 -33.79 -16.45 -20.80
N GLN A 719 -35.02 -16.83 -21.10
CA GLN A 719 -36.01 -16.99 -20.04
C GLN A 719 -35.61 -18.10 -19.07
N LEU A 720 -35.11 -19.21 -19.62
CA LEU A 720 -34.64 -20.32 -18.78
C LEU A 720 -33.49 -19.87 -17.90
N CYS A 721 -32.54 -19.12 -18.45
CA CYS A 721 -31.40 -18.67 -17.67
C CYS A 721 -31.83 -17.68 -16.59
N HIS A 722 -32.79 -16.80 -16.91
CA HIS A 722 -33.29 -15.86 -15.92
C HIS A 722 -33.94 -16.59 -14.75
N GLU A 723 -34.83 -17.55 -15.05
CA GLU A 723 -35.45 -18.33 -13.98
C GLU A 723 -34.42 -19.15 -13.23
N LYS A 724 -33.39 -19.63 -13.93
CA LYS A 724 -32.33 -20.40 -13.28
C LYS A 724 -31.62 -19.56 -12.23
N VAL A 725 -31.27 -18.32 -12.58
CA VAL A 725 -30.56 -17.47 -11.64
C VAL A 725 -31.47 -17.10 -10.45
N LEU A 726 -32.74 -16.79 -10.72
CA LEU A 726 -33.65 -16.47 -9.61
C LEU A 726 -33.83 -17.65 -8.65
N LEU A 727 -34.05 -18.85 -9.19
CA LEU A 727 -34.22 -20.01 -8.31
C LEU A 727 -32.93 -20.35 -7.57
N SER A 728 -31.78 -20.16 -8.21
CA SER A 728 -30.51 -20.40 -7.54
C SER A 728 -30.33 -19.45 -6.36
N MET A 729 -30.63 -18.16 -6.56
CA MET A 729 -30.51 -17.20 -5.47
C MET A 729 -31.48 -17.53 -4.34
N LYS A 730 -32.73 -17.83 -4.70
CA LYS A 730 -33.76 -18.09 -3.68
C LYS A 730 -33.43 -19.31 -2.85
N ALA A 731 -32.92 -20.37 -3.49
CA ALA A 731 -32.58 -21.58 -2.73
C ALA A 731 -31.30 -21.39 -1.92
N MET A 732 -30.30 -20.73 -2.48
CA MET A 732 -29.03 -20.74 -1.78
C MET A 732 -28.95 -19.66 -0.71
N SER A 733 -29.87 -18.69 -0.71
CA SER A 733 -30.00 -17.84 0.47
C SER A 733 -30.42 -18.66 1.70
N THR A 734 -31.38 -19.56 1.52
CA THR A 734 -31.77 -20.46 2.59
C THR A 734 -30.65 -21.44 2.94
N LEU A 735 -29.90 -21.86 1.93
CA LEU A 735 -28.73 -22.70 2.19
C LEU A 735 -27.71 -21.99 3.07
N CYS A 736 -27.46 -20.71 2.78
CA CYS A 736 -26.53 -19.92 3.60
C CYS A 736 -27.06 -19.75 5.01
N ALA A 737 -28.37 -19.53 5.16
CA ALA A 737 -28.95 -19.41 6.49
C ALA A 737 -28.78 -20.70 7.28
N GLU A 738 -29.02 -21.85 6.65
CA GLU A 738 -28.86 -23.12 7.35
C GLU A 738 -27.39 -23.40 7.68
N VAL A 739 -26.47 -22.99 6.80
CA VAL A 739 -25.05 -23.15 7.08
C VAL A 739 -24.65 -22.30 8.29
N ASN A 740 -25.15 -21.07 8.35
CA ASN A 740 -24.86 -20.22 9.50
C ASN A 740 -25.42 -20.81 10.79
N GLU A 741 -26.64 -21.38 10.71
CA GLU A 741 -27.22 -22.02 11.89
C GLU A 741 -26.39 -23.22 12.34
N TYR A 742 -25.90 -24.01 11.39
CA TYR A 742 -25.06 -25.16 11.74
C TYR A 742 -23.75 -24.73 12.37
N LEU A 743 -23.14 -23.66 11.83
CA LEU A 743 -21.91 -23.15 12.43
C LEU A 743 -22.14 -22.64 13.83
N ARG A 744 -23.26 -21.94 14.05
CA ARG A 744 -23.60 -21.46 15.39
C ARG A 744 -23.80 -22.61 16.35
N GLN A 745 -24.46 -23.68 15.90
CA GLN A 745 -24.64 -24.86 16.75
C GLN A 745 -23.32 -25.56 17.00
N ASP A 746 -22.36 -25.44 16.08
CA ASP A 746 -21.08 -26.12 16.26
C ASP A 746 -20.16 -25.37 17.21
N ASN A 747 -19.77 -24.15 16.86
CA ASN A 747 -18.77 -23.46 17.67
C ASN A 747 -19.35 -22.76 18.90
N GLY A 748 -20.67 -22.59 18.95
CA GLY A 748 -21.32 -21.98 20.09
C GLY A 748 -21.38 -20.47 20.07
N THR A 749 -20.73 -19.82 19.11
CA THR A 749 -20.75 -18.37 18.98
C THR A 749 -21.41 -17.99 17.65
N SER A 750 -21.58 -16.68 17.44
CA SER A 750 -22.20 -16.17 16.23
C SER A 750 -21.28 -15.23 15.46
N TYR A 751 -19.97 -15.28 15.73
CA TYR A 751 -19.01 -14.42 15.04
C TYR A 751 -18.51 -15.03 13.74
N LEU A 752 -18.83 -16.29 13.46
CA LEU A 752 -18.39 -16.97 12.24
C LEU A 752 -19.60 -17.20 11.36
N ARG A 753 -19.79 -16.34 10.37
CA ARG A 753 -20.92 -16.42 9.45
C ARG A 753 -20.43 -16.47 8.02
N MET A 754 -21.27 -17.01 7.15
CA MET A 754 -20.99 -17.08 5.72
C MET A 754 -21.77 -16.00 4.98
N ALA A 755 -21.25 -15.63 3.82
CA ALA A 755 -21.77 -14.52 3.04
C ALA A 755 -22.00 -14.94 1.60
N TYR A 756 -23.03 -14.36 1.01
CA TYR A 756 -23.51 -14.69 -0.33
C TYR A 756 -23.09 -13.57 -1.26
N GLU A 757 -21.93 -13.71 -1.89
CA GLU A 757 -21.32 -12.57 -2.57
C GLU A 757 -22.00 -12.25 -3.89
N GLU A 758 -21.91 -13.14 -4.88
CA GLU A 758 -22.67 -13.00 -6.12
C GLU A 758 -22.74 -14.34 -6.82
N VAL A 759 -23.65 -14.43 -7.79
CA VAL A 759 -23.85 -15.64 -8.56
C VAL A 759 -23.02 -15.55 -9.84
N LEU A 760 -22.35 -16.65 -10.19
CA LEU A 760 -21.53 -16.72 -11.39
C LEU A 760 -22.13 -17.74 -12.34
N PHE A 761 -22.67 -17.26 -13.46
CA PHE A 761 -23.24 -18.13 -14.48
C PHE A 761 -23.32 -17.39 -15.82
N PRO A 762 -22.72 -17.92 -16.89
CA PRO A 762 -21.89 -19.12 -16.97
C PRO A 762 -20.51 -18.89 -16.38
N VAL A 763 -19.81 -19.96 -16.02
CA VAL A 763 -18.54 -19.83 -15.32
C VAL A 763 -17.49 -20.68 -16.05
N CYS A 764 -16.23 -20.31 -15.86
CA CYS A 764 -15.12 -21.09 -16.37
C CYS A 764 -14.01 -21.10 -15.33
N PHE A 765 -13.69 -22.29 -14.82
CA PHE A 765 -12.54 -22.53 -13.98
C PHE A 765 -11.47 -23.15 -14.87
N THR A 766 -10.32 -22.50 -14.98
CA THR A 766 -9.27 -23.01 -15.84
C THR A 766 -8.18 -23.74 -15.07
N GLY A 767 -8.04 -23.47 -13.77
CA GLY A 767 -7.02 -24.12 -12.97
C GLY A 767 -7.06 -23.62 -11.55
N LYS A 768 -5.93 -23.75 -10.87
CA LYS A 768 -5.84 -23.28 -9.50
C LYS A 768 -5.84 -21.75 -9.47
N LYS A 769 -6.79 -21.17 -8.75
CA LYS A 769 -6.90 -19.72 -8.55
C LYS A 769 -7.05 -18.97 -9.87
N LYS A 770 -7.75 -19.58 -10.83
CA LYS A 770 -7.98 -18.95 -12.14
C LYS A 770 -9.42 -19.25 -12.57
N TYR A 771 -10.28 -18.25 -12.48
CA TYR A 771 -11.68 -18.42 -12.85
C TYR A 771 -12.27 -17.11 -13.35
N TYR A 772 -13.36 -17.22 -14.09
CA TYR A 772 -14.06 -16.04 -14.57
C TYR A 772 -15.50 -16.39 -14.91
N GLY A 773 -16.31 -15.36 -15.08
CA GLY A 773 -17.70 -15.56 -15.44
C GLY A 773 -18.52 -14.30 -15.28
N ILE A 774 -19.77 -14.39 -15.76
CA ILE A 774 -20.72 -13.30 -15.64
C ILE A 774 -21.14 -13.18 -14.19
N ALA A 775 -21.21 -11.95 -13.68
CA ALA A 775 -21.58 -11.68 -12.30
C ALA A 775 -23.01 -11.18 -12.23
N HIS A 776 -23.81 -11.78 -11.35
CA HIS A 776 -25.16 -11.32 -11.06
C HIS A 776 -25.25 -10.98 -9.58
N VAL A 777 -25.72 -9.77 -9.27
CA VAL A 777 -25.80 -9.30 -7.90
C VAL A 777 -27.22 -9.41 -7.33
N ASN A 778 -28.21 -8.90 -8.04
CA ASN A 778 -29.59 -9.04 -7.61
C ASN A 778 -30.51 -9.52 -8.71
N THR A 779 -30.30 -9.08 -9.94
CA THR A 779 -31.10 -9.48 -11.08
C THR A 779 -30.19 -9.91 -12.22
N PRO A 780 -30.63 -10.88 -13.03
CA PRO A 780 -29.79 -11.35 -14.13
C PRO A 780 -29.67 -10.30 -15.23
N ASN A 781 -28.46 -10.20 -15.79
CA ASN A 781 -28.21 -9.34 -16.94
C ASN A 781 -27.04 -9.94 -17.71
N PHE A 782 -27.37 -10.67 -18.79
CA PHE A 782 -26.36 -11.34 -19.57
C PHE A 782 -25.79 -10.49 -20.68
N ASN A 783 -26.32 -9.28 -20.88
CA ASN A 783 -25.84 -8.38 -21.92
C ASN A 783 -24.73 -7.46 -21.43
N THR A 784 -24.29 -7.61 -20.18
CA THR A 784 -23.25 -6.75 -19.65
C THR A 784 -21.90 -7.11 -20.26
N LYS A 785 -21.05 -6.10 -20.43
CA LYS A 785 -19.68 -6.29 -20.90
C LYS A 785 -18.69 -6.41 -19.74
N GLU A 786 -19.16 -6.33 -18.50
CA GLU A 786 -18.31 -6.43 -17.33
C GLU A 786 -18.18 -7.90 -16.94
N LEU A 787 -16.95 -8.37 -16.81
CA LEU A 787 -16.66 -9.77 -16.55
C LEU A 787 -16.03 -9.91 -15.18
N PHE A 788 -16.56 -10.83 -14.38
CA PHE A 788 -15.92 -11.16 -13.11
C PHE A 788 -14.69 -12.02 -13.40
N ILE A 789 -13.52 -11.53 -12.98
CA ILE A 789 -12.24 -12.09 -13.37
C ILE A 789 -11.39 -12.29 -12.12
N ARG A 790 -10.77 -13.46 -11.99
CA ARG A 790 -9.79 -13.68 -10.95
C ARG A 790 -8.71 -14.62 -11.45
N GLY A 791 -7.46 -14.26 -11.19
CA GLY A 791 -6.32 -15.05 -11.61
C GLY A 791 -5.72 -14.63 -12.93
N ILE A 792 -6.55 -14.51 -13.98
CA ILE A 792 -6.05 -14.16 -15.30
C ILE A 792 -5.61 -12.71 -15.30
N ASP A 793 -4.37 -12.47 -15.72
CA ASP A 793 -3.78 -11.13 -15.71
C ASP A 793 -4.16 -10.40 -17.00
N ILE A 794 -5.46 -10.13 -17.11
CA ILE A 794 -5.97 -9.34 -18.22
C ILE A 794 -5.52 -7.89 -18.11
N ILE A 795 -5.27 -7.41 -16.89
CA ILE A 795 -4.80 -6.03 -16.68
C ILE A 795 -3.29 -6.03 -16.91
N LYS A 796 -2.92 -5.93 -18.18
CA LYS A 796 -1.51 -5.94 -18.58
C LYS A 796 -1.43 -5.25 -19.94
N GLN A 797 -0.98 -3.99 -19.93
CA GLN A 797 -0.80 -3.28 -21.19
C GLN A 797 0.30 -3.93 -22.03
N GLY A 798 1.39 -4.36 -21.38
CA GLY A 798 2.44 -5.10 -22.06
C GLY A 798 3.13 -4.26 -23.11
N GLN A 799 3.26 -4.83 -24.31
CA GLN A 799 3.87 -4.15 -25.44
C GLN A 799 2.88 -3.79 -26.53
N THR A 800 1.66 -4.31 -26.49
CA THR A 800 0.66 -4.01 -27.49
C THR A 800 -0.72 -4.14 -26.87
N LYS A 801 -1.71 -3.53 -27.53
CA LYS A 801 -3.08 -3.54 -27.06
C LYS A 801 -3.83 -4.81 -27.47
N LEU A 802 -3.23 -5.63 -28.33
CA LEU A 802 -3.88 -6.87 -28.75
C LEU A 802 -4.06 -7.86 -27.61
N THR A 803 -3.24 -7.75 -26.56
CA THR A 803 -3.46 -8.56 -25.36
C THR A 803 -4.84 -8.26 -24.77
N LYS A 804 -5.15 -6.97 -24.57
CA LYS A 804 -6.47 -6.56 -24.10
C LYS A 804 -7.58 -7.09 -25.00
N THR A 805 -7.48 -6.84 -26.30
CA THR A 805 -8.59 -7.13 -27.20
C THR A 805 -8.83 -8.63 -27.30
N ILE A 806 -7.78 -9.42 -27.49
CA ILE A 806 -7.96 -10.85 -27.68
C ILE A 806 -8.31 -11.53 -26.36
N GLY A 807 -7.73 -11.08 -25.24
CA GLY A 807 -8.10 -11.65 -23.97
C GLY A 807 -9.54 -11.38 -23.60
N THR A 808 -10.05 -10.20 -23.96
CA THR A 808 -11.46 -9.91 -23.74
C THR A 808 -12.34 -10.71 -24.70
N ARG A 809 -11.89 -10.86 -25.95
CA ARG A 809 -12.72 -11.53 -26.95
C ARG A 809 -12.87 -13.01 -26.66
N ILE A 810 -11.80 -13.67 -26.22
CA ILE A 810 -11.89 -15.08 -25.84
C ILE A 810 -12.91 -15.26 -24.74
N MET A 811 -12.84 -14.39 -23.73
CA MET A 811 -13.69 -14.49 -22.55
C MET A 811 -15.14 -14.25 -22.91
N GLU A 812 -15.40 -13.24 -23.75
CA GLU A 812 -16.77 -12.94 -24.16
C GLU A 812 -17.34 -14.05 -25.04
N GLU A 813 -16.53 -14.63 -25.92
CA GLU A 813 -17.01 -15.74 -26.72
C GLU A 813 -17.26 -16.97 -25.86
N SER A 814 -16.52 -17.11 -24.76
CA SER A 814 -16.73 -18.25 -23.88
C SER A 814 -17.97 -18.09 -23.02
N MET A 815 -18.31 -16.86 -22.63
CA MET A 815 -19.35 -16.64 -21.64
C MET A 815 -20.71 -16.23 -22.21
N LYS A 816 -20.95 -16.41 -23.51
CA LYS A 816 -22.31 -16.13 -23.94
C LYS A 816 -23.18 -17.36 -23.74
N LEU A 817 -24.49 -17.14 -23.86
CA LEU A 817 -25.44 -18.22 -23.68
C LEU A 817 -25.56 -19.03 -24.96
N ARG A 818 -25.58 -20.36 -24.82
CA ARG A 818 -25.75 -21.26 -25.95
C ARG A 818 -26.82 -22.28 -25.64
N ARG A 819 -27.61 -22.63 -26.65
CA ARG A 819 -28.56 -23.73 -26.54
C ARG A 819 -27.81 -25.05 -26.41
N PRO A 820 -28.47 -26.05 -25.76
CA PRO A 820 -27.89 -27.37 -25.60
C PRO A 820 -27.96 -28.13 -26.92
N GLU A 821 -28.12 -27.41 -28.03
CA GLU A 821 -28.19 -28.06 -29.36
C GLU A 821 -27.33 -27.28 -30.35
N ASP A 822 -26.32 -26.52 -29.89
CA ASP A 822 -25.47 -25.68 -30.79
C ASP A 822 -24.07 -26.24 -30.80
N HIS A 823 -23.92 -27.48 -30.34
CA HIS A 823 -22.63 -28.17 -30.25
C HIS A 823 -21.59 -27.30 -29.56
N ARG A 824 -21.82 -27.11 -28.25
CA ARG A 824 -20.96 -26.30 -27.40
C ARG A 824 -19.50 -26.70 -27.55
N PRO A 825 -18.63 -25.80 -28.02
CA PRO A 825 -17.21 -26.13 -28.11
C PRO A 825 -16.52 -25.87 -26.78
N PRO A 826 -15.47 -26.62 -26.46
CA PRO A 826 -14.72 -26.35 -25.23
C PRO A 826 -13.89 -25.07 -25.34
N LEU A 827 -13.11 -24.78 -24.31
CA LEU A 827 -12.36 -23.52 -24.28
C LEU A 827 -11.29 -23.49 -25.37
N ILE A 828 -10.65 -24.63 -25.62
CA ILE A 828 -9.55 -24.68 -26.58
C ILE A 828 -10.07 -24.41 -28.00
N GLU A 829 -11.26 -24.89 -28.33
CA GLU A 829 -11.81 -24.64 -29.66
C GLU A 829 -12.21 -23.18 -29.83
N ILE A 830 -12.71 -22.55 -28.76
CA ILE A 830 -13.04 -21.13 -28.81
C ILE A 830 -11.77 -20.30 -29.01
N VAL A 831 -10.70 -20.66 -28.30
CA VAL A 831 -9.41 -19.99 -28.50
C VAL A 831 -8.94 -20.16 -29.94
N LYS A 832 -9.09 -21.38 -30.47
CA LYS A 832 -8.69 -21.66 -31.84
C LYS A 832 -9.43 -20.78 -32.84
N THR A 833 -10.76 -20.69 -32.70
CA THR A 833 -11.54 -19.97 -33.71
C THR A 833 -11.35 -18.46 -33.57
N VAL A 834 -11.19 -17.95 -32.35
CA VAL A 834 -10.98 -16.51 -32.22
C VAL A 834 -9.59 -16.12 -32.71
N LEU A 835 -8.60 -17.02 -32.53
CA LEU A 835 -7.26 -16.71 -33.01
C LEU A 835 -7.20 -16.80 -34.53
N LYS A 836 -7.94 -17.74 -35.11
CA LYS A 836 -8.06 -17.80 -36.57
C LYS A 836 -8.74 -16.56 -37.11
N ASP A 837 -9.78 -16.08 -36.44
CA ASP A 837 -10.45 -14.87 -36.87
C ASP A 837 -9.52 -13.66 -36.76
N ALA A 838 -8.69 -13.62 -35.73
CA ALA A 838 -7.74 -12.52 -35.58
C ALA A 838 -6.68 -12.54 -36.68
N VAL A 839 -6.14 -13.72 -36.99
CA VAL A 839 -5.08 -13.81 -37.99
C VAL A 839 -5.62 -13.55 -39.39
N VAL A 840 -6.75 -14.17 -39.73
CA VAL A 840 -7.28 -14.08 -41.09
C VAL A 840 -7.75 -12.66 -41.40
N ASN A 841 -8.55 -12.08 -40.51
CA ASN A 841 -9.09 -10.74 -40.74
C ASN A 841 -8.07 -9.72 -40.25
N MET A 842 -7.19 -9.30 -41.16
CA MET A 842 -6.15 -8.35 -40.81
C MET A 842 -6.68 -6.92 -40.68
N LYS A 843 -7.67 -6.55 -41.49
CA LYS A 843 -8.11 -5.17 -41.58
C LYS A 843 -8.87 -4.69 -40.34
N GLN A 844 -9.23 -5.59 -39.42
CA GLN A 844 -9.99 -5.17 -38.24
C GLN A 844 -9.15 -4.34 -37.28
N TRP A 845 -7.83 -4.43 -37.36
CA TRP A 845 -6.96 -3.68 -36.47
C TRP A 845 -6.58 -2.34 -37.08
N ASN A 846 -6.15 -1.44 -36.21
CA ASN A 846 -5.67 -0.12 -36.61
C ASN A 846 -4.17 -0.02 -36.41
N PHE A 847 -3.58 1.01 -37.01
CA PHE A 847 -2.13 1.15 -37.00
C PHE A 847 -1.62 1.57 -35.62
N GLU A 848 -2.39 2.38 -34.89
CA GLU A 848 -1.91 2.96 -33.64
C GLU A 848 -1.75 1.89 -32.55
N ASP A 849 -2.42 0.76 -32.68
CA ASP A 849 -2.25 -0.31 -31.71
C ASP A 849 -0.99 -1.13 -31.96
N PHE A 850 -0.29 -0.86 -33.06
CA PHE A 850 0.89 -1.62 -33.45
C PHE A 850 2.19 -0.87 -33.15
N ILE A 851 2.10 0.27 -32.46
CA ILE A 851 3.25 1.14 -32.21
C ILE A 851 3.97 0.66 -30.96
N GLN A 852 5.31 0.75 -30.98
CA GLN A 852 6.11 0.50 -29.80
C GLN A 852 7.13 1.63 -29.65
N THR A 853 7.59 1.84 -28.42
CA THR A 853 8.51 2.93 -28.10
C THR A 853 9.79 2.37 -27.51
N ASP A 854 10.91 3.00 -27.85
CA ASP A 854 12.19 2.55 -27.33
C ASP A 854 13.14 3.74 -27.22
N ALA A 855 14.23 3.54 -26.49
CA ALA A 855 15.22 4.57 -26.24
C ALA A 855 16.53 4.21 -26.94
N TRP A 856 17.16 5.19 -27.57
CA TRP A 856 18.39 4.99 -28.33
C TRP A 856 19.55 5.51 -27.50
N ARG A 857 20.23 4.60 -26.80
CA ARG A 857 21.36 4.94 -25.95
C ARG A 857 22.62 4.31 -26.51
N PRO A 858 23.48 5.07 -27.18
CA PRO A 858 24.63 4.46 -27.87
C PRO A 858 25.77 4.06 -26.95
N ASP A 859 25.46 3.49 -25.78
CA ASP A 859 26.49 2.94 -24.92
C ASP A 859 26.06 1.59 -24.36
N LYS A 860 24.75 1.35 -24.31
CA LYS A 860 24.22 0.10 -23.80
C LYS A 860 24.23 -0.97 -24.88
N ASP A 861 24.28 -2.22 -24.45
CA ASP A 861 24.30 -3.35 -25.38
C ASP A 861 22.89 -3.88 -25.62
N ASN A 862 22.01 -2.98 -26.05
CA ASN A 862 20.65 -3.34 -26.45
C ASN A 862 20.72 -3.88 -27.88
N LYS A 863 20.49 -5.19 -28.02
CA LYS A 863 20.80 -5.85 -29.28
C LYS A 863 19.87 -5.40 -30.41
N ALA A 864 18.57 -5.42 -30.16
CA ALA A 864 17.61 -5.11 -31.23
C ALA A 864 17.74 -3.66 -31.68
N VAL A 865 17.93 -2.75 -30.73
CA VAL A 865 18.09 -1.34 -31.09
C VAL A 865 19.37 -1.14 -31.88
N GLN A 866 20.44 -1.83 -31.49
CA GLN A 866 21.71 -1.74 -32.22
C GLN A 866 21.55 -2.24 -33.65
N ILE A 867 20.86 -3.37 -33.83
CA ILE A 867 20.66 -3.90 -35.18
C ILE A 867 19.82 -2.95 -36.02
N PHE A 868 18.75 -2.40 -35.43
CA PHE A 868 17.90 -1.48 -36.18
C PHE A 868 18.67 -0.24 -36.60
N MET A 869 19.48 0.31 -35.69
CA MET A 869 20.23 1.52 -36.02
C MET A 869 21.33 1.23 -37.04
N SER A 870 21.95 0.05 -36.96
CA SER A 870 22.95 -0.32 -37.95
C SER A 870 22.33 -0.47 -39.33
N ARG A 871 21.16 -1.09 -39.40
CA ARG A 871 20.46 -1.23 -40.66
C ARG A 871 20.07 0.14 -41.22
N MET A 872 19.62 1.04 -40.34
CA MET A 872 19.26 2.39 -40.78
C MET A 872 20.48 3.15 -41.28
N HIS A 873 21.62 2.99 -40.61
CA HIS A 873 22.84 3.65 -41.05
C HIS A 873 23.29 3.12 -42.40
N ALA A 874 23.20 1.81 -42.60
CA ALA A 874 23.54 1.24 -43.90
C ALA A 874 22.61 1.75 -44.99
N ARG A 875 21.31 1.85 -44.68
CA ARG A 875 20.35 2.38 -45.64
C ARG A 875 20.66 3.84 -45.98
N ARG A 876 21.03 4.63 -44.97
CA ARG A 876 21.36 6.03 -45.21
C ARG A 876 22.62 6.17 -46.07
N GLU A 877 23.63 5.34 -45.81
CA GLU A 877 24.83 5.38 -46.63
C GLU A 877 24.54 4.95 -48.07
N GLN A 878 23.69 3.93 -48.23
CA GLN A 878 23.31 3.51 -49.59
C GLN A 878 22.53 4.59 -50.32
N LEU A 879 21.66 5.31 -49.60
CA LEU A 879 20.90 6.38 -50.24
C LEU A 879 21.79 7.57 -50.57
N LYS A 880 22.77 7.87 -49.72
CA LYS A 880 23.70 8.95 -50.00
C LYS A 880 24.60 8.62 -51.18
N LYS A 881 25.02 7.35 -51.30
CA LYS A 881 25.83 6.94 -52.44
C LYS A 881 25.03 7.00 -53.74
N HIS A 882 23.71 6.86 -53.66
CA HIS A 882 22.84 7.00 -54.81
C HIS A 882 22.33 8.43 -54.98
N GLY A 883 22.82 9.36 -54.17
CA GLY A 883 22.38 10.75 -54.27
C GLY A 883 20.93 10.98 -53.88
N ALA A 884 20.48 10.35 -52.80
CA ALA A 884 19.11 10.50 -52.31
C ALA A 884 19.14 11.21 -50.97
N ALA A 885 18.24 12.18 -50.79
CA ALA A 885 18.17 12.95 -49.56
C ALA A 885 17.40 12.14 -48.52
N ALA A 886 18.15 11.41 -47.69
CA ALA A 886 17.55 10.61 -46.64
C ALA A 886 17.30 11.44 -45.39
N SER A 887 16.43 12.45 -45.51
CA SER A 887 16.18 13.34 -44.38
C SER A 887 15.39 12.65 -43.27
N GLN A 888 14.37 11.87 -43.63
CA GLN A 888 13.52 11.23 -42.64
C GLN A 888 14.04 9.87 -42.19
N PHE A 889 15.18 9.44 -42.70
CA PHE A 889 15.87 8.25 -42.24
C PHE A 889 16.91 8.57 -41.17
N ALA A 890 16.89 9.80 -40.65
CA ALA A 890 17.98 10.30 -39.83
C ALA A 890 18.02 9.62 -38.46
N GLU A 891 19.20 9.60 -37.86
CA GLU A 891 19.37 9.02 -36.54
C GLU A 891 18.66 9.87 -35.50
N PRO A 892 18.09 9.26 -34.46
CA PRO A 892 17.57 10.05 -33.34
C PRO A 892 18.70 10.64 -32.53
N GLU A 893 18.39 11.72 -31.81
CA GLU A 893 19.34 12.28 -30.87
C GLU A 893 19.54 11.30 -29.71
N PRO A 894 20.73 11.27 -29.12
CA PRO A 894 20.97 10.34 -28.01
C PRO A 894 20.07 10.64 -26.82
N GLY A 895 19.35 9.61 -26.37
CA GLY A 895 18.40 9.75 -25.30
C GLY A 895 16.99 10.07 -25.74
N GLU A 896 16.76 10.29 -27.03
CA GLU A 896 15.44 10.63 -27.54
C GLU A 896 14.65 9.36 -27.83
N ARG A 897 13.48 9.26 -27.22
CA ARG A 897 12.61 8.10 -27.44
C ARG A 897 12.03 8.14 -28.84
N PHE A 898 11.95 6.96 -29.47
CA PHE A 898 11.45 6.85 -30.83
C PHE A 898 10.41 5.74 -30.92
N SER A 899 9.48 5.91 -31.84
CA SER A 899 8.35 5.01 -32.05
C SER A 899 8.55 4.23 -33.34
N TYR A 900 8.41 2.91 -33.25
CA TYR A 900 8.65 2.01 -34.36
C TYR A 900 7.53 0.98 -34.46
N VAL A 901 7.54 0.24 -35.56
CA VAL A 901 6.63 -0.86 -35.81
C VAL A 901 7.44 -2.02 -36.39
N ILE A 902 6.77 -3.16 -36.56
CA ILE A 902 7.35 -4.37 -37.11
C ILE A 902 6.71 -4.64 -38.45
N VAL A 903 7.51 -5.04 -39.44
CA VAL A 903 7.01 -5.23 -40.80
C VAL A 903 7.43 -6.60 -41.32
N GLU A 904 6.72 -7.06 -42.34
CA GLU A 904 7.07 -8.31 -43.01
C GLU A 904 8.35 -8.13 -43.82
N LYS A 905 9.27 -9.07 -43.67
CA LYS A 905 10.48 -9.12 -44.48
C LYS A 905 10.43 -10.39 -45.33
N GLN A 906 10.36 -10.23 -46.64
CA GLN A 906 10.39 -11.37 -47.54
C GLN A 906 11.79 -11.99 -47.56
N VAL A 907 11.84 -13.28 -47.85
CA VAL A 907 13.11 -14.00 -47.89
C VAL A 907 13.84 -13.69 -49.19
N SER A 918 16.30 -11.41 -41.81
CA SER A 918 16.23 -12.65 -41.04
C SER A 918 15.00 -12.67 -40.13
N SER A 919 15.00 -13.57 -39.16
CA SER A 919 13.89 -13.71 -38.23
C SER A 919 14.07 -12.90 -36.95
N ARG A 920 15.14 -12.14 -36.84
CA ARG A 920 15.39 -11.39 -35.61
C ARG A 920 14.48 -10.17 -35.54
N LYS A 921 14.44 -9.57 -34.34
CA LYS A 921 13.60 -8.39 -34.12
C LYS A 921 14.09 -7.20 -34.93
N GLY A 922 15.41 -7.05 -35.06
CA GLY A 922 15.96 -5.85 -35.66
C GLY A 922 15.64 -5.71 -37.14
N ASP A 923 15.70 -6.81 -37.89
CA ASP A 923 15.52 -6.73 -39.33
C ASP A 923 14.10 -6.37 -39.73
N LYS A 924 13.13 -6.55 -38.83
CA LYS A 924 11.75 -6.21 -39.11
C LYS A 924 11.35 -4.85 -38.54
N MET A 925 12.26 -4.16 -37.87
CA MET A 925 11.97 -2.87 -37.27
C MET A 925 11.89 -1.81 -38.35
N GLU A 926 10.88 -0.93 -38.26
CA GLU A 926 10.78 0.19 -39.18
C GLU A 926 10.20 1.39 -38.46
N TYR A 927 10.51 2.58 -38.96
CA TYR A 927 9.99 3.80 -38.36
C TYR A 927 8.52 3.97 -38.70
N VAL A 928 7.81 4.69 -37.82
CA VAL A 928 6.39 4.94 -38.04
C VAL A 928 6.19 5.80 -39.28
N SER A 929 7.04 6.81 -39.46
CA SER A 929 6.94 7.66 -40.65
C SER A 929 7.21 6.87 -41.91
N GLU A 930 8.22 6.00 -41.90
CA GLU A 930 8.52 5.18 -43.07
C GLU A 930 7.38 4.20 -43.36
N ALA A 931 6.82 3.60 -42.30
CA ALA A 931 5.74 2.64 -42.47
C ALA A 931 4.49 3.31 -43.04
N LYS A 932 4.15 4.50 -42.55
CA LYS A 932 2.99 5.19 -43.09
C LYS A 932 3.26 5.78 -44.47
N ALA A 933 4.53 6.04 -44.81
CA ALA A 933 4.85 6.52 -46.15
C ALA A 933 4.73 5.41 -47.18
N LYS A 934 5.26 4.23 -46.86
CA LYS A 934 5.26 3.13 -47.82
C LYS A 934 4.03 2.25 -47.75
N ASN A 935 3.25 2.35 -46.67
CA ASN A 935 2.08 1.50 -46.41
C ASN A 935 2.49 0.03 -46.51
N LEU A 936 3.35 -0.36 -45.59
CA LEU A 936 3.87 -1.71 -45.55
C LEU A 936 2.98 -2.59 -44.68
N PRO A 937 2.91 -3.89 -44.95
CA PRO A 937 2.24 -4.81 -44.02
C PRO A 937 2.96 -4.83 -42.69
N ILE A 938 2.11 -4.91 -41.63
CA ILE A 938 2.57 -4.78 -40.22
C ILE A 938 2.86 -6.14 -39.56
N ASP A 939 2.92 -7.23 -40.29
CA ASP A 939 3.40 -8.55 -39.85
C ASP A 939 2.69 -8.95 -38.55
N ILE A 940 1.39 -9.19 -38.69
CA ILE A 940 0.57 -9.50 -37.52
C ILE A 940 0.98 -10.82 -36.87
N LEU A 941 1.58 -11.73 -37.64
CA LEU A 941 1.94 -13.04 -37.10
C LEU A 941 3.02 -12.91 -36.02
N PHE A 942 4.01 -12.07 -36.25
CA PHE A 942 5.08 -11.86 -35.29
C PHE A 942 4.53 -11.28 -33.99
N TYR A 943 3.65 -10.28 -34.12
CA TYR A 943 3.03 -9.65 -32.95
C TYR A 943 2.21 -10.66 -32.16
N ILE A 944 1.38 -11.44 -32.85
CA ILE A 944 0.56 -12.45 -32.19
C ILE A 944 1.45 -13.45 -31.47
N ASN A 945 2.45 -13.97 -32.17
CA ASN A 945 3.32 -15.01 -31.63
C ASN A 945 4.06 -14.54 -30.39
N ASN A 946 4.56 -13.31 -30.40
CA ASN A 946 5.39 -12.88 -29.28
C ASN A 946 4.60 -12.22 -28.15
N TYR A 947 3.35 -11.82 -28.36
CA TYR A 947 2.66 -11.11 -27.30
C TYR A 947 1.33 -11.74 -26.89
N VAL A 948 0.56 -12.29 -27.83
CA VAL A 948 -0.79 -12.72 -27.51
C VAL A 948 -0.78 -14.14 -26.93
N LEU A 949 0.11 -14.99 -27.45
CA LEU A 949 0.14 -16.38 -27.03
C LEU A 949 0.54 -16.55 -25.56
N GLY A 950 1.20 -15.56 -24.98
CA GLY A 950 1.49 -15.62 -23.55
C GLY A 950 0.23 -15.63 -22.71
N LEU A 951 -0.73 -14.77 -23.06
CA LEU A 951 -2.01 -14.78 -22.37
C LEU A 951 -2.89 -15.94 -22.81
N CYS A 952 -2.82 -16.30 -24.10
CA CYS A 952 -3.67 -17.37 -24.60
C CYS A 952 -3.26 -18.74 -24.07
N ALA A 953 -1.99 -18.88 -23.68
CA ALA A 953 -1.53 -20.13 -23.09
C ALA A 953 -2.02 -20.32 -21.66
N ARG A 954 -2.38 -19.22 -20.97
CA ARG A 954 -2.92 -19.31 -19.63
C ARG A 954 -4.29 -19.98 -19.58
N PHE A 955 -4.97 -20.10 -20.71
CA PHE A 955 -6.33 -20.62 -20.68
C PHE A 955 -6.36 -22.13 -20.81
N ILE A 956 -5.42 -22.72 -21.52
CA ILE A 956 -5.45 -24.16 -21.77
C ILE A 956 -4.18 -24.85 -21.30
N ASN A 957 -3.54 -24.32 -20.26
CA ASN A 957 -2.36 -24.97 -19.69
C ASN A 957 -2.71 -25.91 -18.54
N GLU A 958 -3.94 -26.42 -18.49
CA GLU A 958 -4.29 -27.48 -17.54
C GLU A 958 -5.05 -28.61 -18.22
N ASN A 959 -5.08 -28.67 -19.55
CA ASN A 959 -5.76 -29.75 -20.23
C ASN A 959 -4.96 -31.04 -20.11
N GLU A 960 -5.60 -32.15 -20.49
CA GLU A 960 -5.00 -33.47 -20.31
C GLU A 960 -3.81 -33.66 -21.26
N GLU A 961 -3.92 -33.17 -22.49
CA GLU A 961 -2.87 -33.40 -23.48
C GLU A 961 -1.59 -32.67 -23.13
N PHE A 962 -1.70 -31.53 -22.46
CA PHE A 962 -0.54 -30.70 -22.13
C PHE A 962 -0.09 -30.98 -20.69
N GLN A 963 0.35 -32.21 -20.46
CA GLN A 963 0.73 -32.59 -19.11
C GLN A 963 2.09 -33.25 -19.10
N PRO A 964 2.89 -33.00 -18.06
CA PRO A 964 4.21 -33.62 -17.96
C PRO A 964 4.09 -35.10 -17.59
N PRO A 965 5.11 -35.88 -17.89
CA PRO A 965 5.20 -37.24 -17.31
C PRO A 965 5.61 -37.17 -15.85
N ASP A 966 5.70 -38.35 -15.24
CA ASP A 966 6.02 -38.42 -13.81
C ASP A 966 7.46 -38.05 -13.54
N ASN A 967 8.38 -38.41 -14.43
CA ASN A 967 9.81 -38.25 -14.18
C ASN A 967 10.34 -36.87 -14.60
N VAL A 968 9.69 -35.81 -14.12
CA VAL A 968 10.10 -34.44 -14.40
C VAL A 968 10.04 -33.65 -13.10
N SER A 969 11.09 -32.88 -12.82
CA SER A 969 11.14 -32.09 -11.60
C SER A 969 10.17 -30.91 -11.66
N ASN A 970 10.37 -30.02 -12.63
CA ASN A 970 9.57 -28.80 -12.73
C ASN A 970 8.18 -29.10 -13.26
N LYS A 971 7.15 -28.65 -12.53
CA LYS A 971 5.77 -28.93 -12.90
C LYS A 971 4.99 -27.69 -13.33
N ASP A 972 5.46 -26.49 -13.01
CA ASP A 972 4.72 -25.27 -13.31
C ASP A 972 5.04 -24.73 -14.70
N GLU A 973 6.29 -24.38 -14.94
CA GLU A 973 6.70 -23.83 -16.23
C GLU A 973 7.19 -24.93 -17.17
N TYR A 974 6.38 -25.97 -17.32
CA TYR A 974 6.82 -27.10 -18.13
C TYR A 974 5.71 -27.60 -19.07
N ALA A 975 4.46 -27.19 -18.84
CA ALA A 975 3.39 -27.53 -19.76
C ALA A 975 3.01 -26.34 -20.63
N GLN A 976 3.22 -25.12 -20.12
CA GLN A 976 2.94 -23.94 -20.91
C GLN A 976 3.84 -23.85 -22.13
N ARG A 977 5.03 -24.47 -22.07
CA ARG A 977 5.89 -24.54 -23.23
C ARG A 977 5.23 -25.28 -24.37
N ARG A 978 4.64 -26.44 -24.08
CA ARG A 978 3.88 -27.17 -25.08
C ARG A 978 2.62 -26.44 -25.51
N ALA A 979 1.94 -25.75 -24.59
CA ALA A 979 0.76 -24.97 -24.99
C ALA A 979 1.13 -23.89 -26.00
N LYS A 980 2.21 -23.15 -25.70
CA LYS A 980 2.67 -22.10 -26.59
C LYS A 980 3.14 -22.66 -27.93
N SER A 981 3.83 -23.80 -27.89
CA SER A 981 4.29 -24.42 -29.14
C SER A 981 3.12 -24.91 -29.98
N TYR A 982 2.09 -25.45 -29.34
CA TYR A 982 0.91 -25.91 -30.06
C TYR A 982 0.18 -24.74 -30.72
N LEU A 983 0.04 -23.64 -29.99
CA LEU A 983 -0.61 -22.47 -30.58
C LEU A 983 0.25 -21.87 -31.70
N GLN A 984 1.57 -21.91 -31.55
CA GLN A 984 2.46 -21.46 -32.61
C GLN A 984 2.26 -22.30 -33.87
N LYS A 985 2.20 -23.62 -33.71
CA LYS A 985 2.00 -24.50 -34.85
C LYS A 985 0.65 -24.24 -35.52
N PHE A 986 -0.39 -24.00 -34.71
CA PHE A 986 -1.71 -23.73 -35.30
C PHE A 986 -1.72 -22.40 -36.05
N VAL A 987 -1.11 -21.36 -35.49
CA VAL A 987 -1.09 -20.06 -36.15
C VAL A 987 -0.28 -20.14 -37.44
N GLN A 988 0.85 -20.84 -37.42
CA GLN A 988 1.63 -21.00 -38.64
C GLN A 988 0.92 -21.86 -39.67
N SER A 989 0.04 -22.76 -39.22
CA SER A 989 -0.65 -23.65 -40.14
C SER A 989 -1.76 -22.94 -40.89
N ILE A 990 -2.38 -21.94 -40.26
CA ILE A 990 -3.59 -21.32 -40.81
C ILE A 990 -3.17 -20.21 -41.77
N HIS A 991 -2.84 -20.61 -43.00
CA HIS A 991 -2.46 -19.67 -44.04
C HIS A 991 -2.75 -20.24 -45.42
#